data_8SWN
#
_entry.id   8SWN
#
_cell.length_a   1.00
_cell.length_b   1.00
_cell.length_c   1.00
_cell.angle_alpha   90.00
_cell.angle_beta   90.00
_cell.angle_gamma   90.00
#
_symmetry.space_group_name_H-M   'P 1'
#
loop_
_entity.id
_entity.type
_entity.pdbx_description
1 polymer 'ATP binding cassette subfamily C member 4'
2 non-polymer 'MAGNESIUM ION'
3 non-polymer PHOSPHATIDYLETHANOLAMINE
4 non-polymer "ADENOSINE-5'-TRIPHOSPHATE"
#
_entity_poly.entity_id   1
_entity_poly.type   'polypeptide(L)'
_entity_poly.pdbx_seq_one_letter_code
;MQPVYPEVKPNPLRNANLCSRIFFWWLNPLFKIGHKRRLEEDDMYSVLPEDRSQHLGEELQGYWDQEVLRAEKDAREPSL
TKAIIKCYWKSYVVLGIFTLIEESTRVVQPIILGKIIGYFENYDPSDSAALYEAHGYAGVLSACTLVLAILHHLYFYHVQ
CAGMRLRVAMCHMIYRKALRLSNSAMGKTTTGQIVNLLSNDVNKFDQVTIFLHFLWAGPLQAIVVTALLWMEIGISCLAG
MAVLIILLPLQSCIGKLFSSLRSKTAAFTDTRIRTMNEVITGIRIIKMYAWEKSFADLITNLRRKEISKILRSSYLRGMN
LASFFVASKIIVFVTFTTYVFLGNVITASRVFVAVSLYGAVRLTVTLFFPSAVEKVSEAFVSIRRIKNFLLLDEITQLHS
QLPSDGKMIVNVQDFTAFWDKASDTPTLQSLSFTVRPGELLAVVGPVGAGKSSLLSAVLGELPPNQGQVSVHGRIAYVSQ
QPWVFSGTVRSNILFGKKYEKERYEKVIKACALKKDLQLLEDGDLTMIGDRGTTLSGGQKARVNLARAVYQDADIYLLDD
PLSAVDAEVSRHLFELCICQALHEKIRILVTHQLQYLKAASQILILKDGQMVQKGTYTEFLKSGIDFGSLLKKENEEAEP
SPVPGSPTLRNRTFSESSVWSQQSSRPSLKEATPEGQDTENIQVTLTEESRSEGKVGFKAYKNYFTAGAHWFIIIFLILV
NLAAQVSYILQDWWLSYWANQQSALNVTVNGQGNVTEKLDLNWYLGIYSGLTASTVLFGIVRSLLVFFVLVSSSQTLHNQ
MFESILRAPVLFFDRNPIGRILNRFSKDIGHMDDLLPLTYLDFIQTFLQVIGVVGVAVAVIPWIAIPLVPLGIVFFVLRR
YFLETSRDVKRLESTTRSPVFSHLSSSLQGLWTIRAYKAEQRFQELFDSHQDLHSEAWFLFLTTSRWFAVRLDAICAVFV
IVVAFGSLILAKTLDAGQVGLALSYALTLMGMFQWCVRQSAEVENMMISVERVIEYTDLEKEAPWEYQKRPLPSWPHEGV
IIFDNVNFSYSLDGPLVLKHLTALIKSKEKVGIVGRTGAGKSSLIAALFRLSEPEGKIWIDKILTTEIGLHDLRKKMSII
PQEPVLFTGTMRKNLDPFNEHSDEELWNALEEVQLKEAIEDLPGKMDTELAESGSNFSVGQRQLVCLARAILRKNRILII
DQATANVDPRTDELIQKKIREKFAHCTVLTIAHRLNTIIDSDKIMVLDSGRLKEYDEPYVLLQNRDSLFYKMVQQLGKAE
AAALTETAKQVYFKRNYPDITHNGHVVMNASSGQPSAFTIFETAL
;
_entity_poly.pdbx_strand_id   A
#
loop_
_chem_comp.id
_chem_comp.type
_chem_comp.name
_chem_comp.formula
ATP non-polymer ADENOSINE-5'-TRIPHOSPHATE 'C10 H16 N5 O13 P3'
MG non-polymer 'MAGNESIUM ION' 'Mg 2'
PTY non-polymer PHOSPHATIDYLETHANOLAMINE 'C40 H80 N O8 P'
#
# COMPACT_ATOMS: atom_id res chain seq x y z
N VAL A 47 23.51 1.86 -11.62
CA VAL A 47 22.58 2.06 -12.76
C VAL A 47 23.09 3.17 -13.67
N LEU A 48 22.96 2.96 -14.97
CA LEU A 48 23.38 3.95 -15.95
C LEU A 48 22.49 5.20 -15.84
N PRO A 49 23.02 6.38 -16.15
CA PRO A 49 22.20 7.60 -16.09
C PRO A 49 20.94 7.51 -16.92
N GLU A 50 20.99 6.81 -18.05
CA GLU A 50 19.83 6.66 -18.92
C GLU A 50 18.69 5.90 -18.25
N ASP A 51 18.96 5.17 -17.18
CA ASP A 51 17.94 4.41 -16.44
C ASP A 51 17.60 5.02 -15.08
N ARG A 52 18.11 6.19 -14.76
CA ARG A 52 17.79 6.84 -13.49
C ARG A 52 16.40 7.48 -13.50
N SER A 53 15.78 7.47 -12.31
CA SER A 53 14.40 7.89 -12.12
C SER A 53 14.11 9.33 -12.53
N GLN A 54 15.13 10.17 -12.64
CA GLN A 54 14.92 11.58 -12.98
C GLN A 54 15.25 11.89 -14.44
N HIS A 55 15.89 10.98 -15.16
CA HIS A 55 16.05 11.10 -16.59
C HIS A 55 14.90 10.41 -17.32
N LEU A 56 14.57 9.20 -16.89
CA LEU A 56 13.21 8.70 -17.02
C LEU A 56 12.28 9.68 -16.31
N GLY A 57 10.99 9.59 -16.61
CA GLY A 57 10.06 10.53 -16.00
C GLY A 57 10.06 11.89 -16.67
N GLU A 58 11.19 12.58 -16.66
CA GLU A 58 11.29 13.84 -17.41
C GLU A 58 11.14 13.64 -18.91
N GLU A 59 11.63 12.52 -19.47
CA GLU A 59 11.38 12.21 -20.87
C GLU A 59 9.90 12.08 -21.17
N LEU A 60 9.18 11.30 -20.35
CA LEU A 60 7.77 11.02 -20.62
C LEU A 60 6.90 12.22 -20.29
N GLN A 61 7.25 13.00 -19.28
CA GLN A 61 6.54 14.23 -19.00
C GLN A 61 6.58 15.19 -20.18
N GLY A 62 7.70 15.24 -20.89
CA GLY A 62 7.73 16.02 -22.12
C GLY A 62 6.72 15.58 -23.15
N TYR A 63 6.62 14.28 -23.41
CA TYR A 63 5.64 13.78 -24.36
C TYR A 63 4.20 13.98 -23.89
N TRP A 64 3.90 13.87 -22.63
CA TRP A 64 2.64 14.16 -22.03
C TRP A 64 2.23 15.60 -22.20
N ASP A 65 3.15 16.51 -21.87
CA ASP A 65 2.88 17.93 -22.08
C ASP A 65 2.60 18.27 -23.54
N GLN A 66 3.35 17.66 -24.46
CA GLN A 66 3.08 17.89 -25.89
C GLN A 66 1.69 17.41 -26.28
N GLU A 67 1.29 16.22 -25.83
CA GLU A 67 -0.05 15.73 -26.13
C GLU A 67 -1.13 16.60 -25.50
N VAL A 68 -0.95 17.03 -24.26
CA VAL A 68 -1.89 17.96 -23.64
C VAL A 68 -1.98 19.27 -24.42
N LEU A 69 -0.85 19.78 -24.90
CA LEU A 69 -0.85 21.00 -25.71
C LEU A 69 -1.52 20.80 -27.07
N ARG A 70 -1.26 19.67 -27.73
CA ARG A 70 -1.92 19.40 -29.01
C ARG A 70 -3.43 19.23 -28.85
N ALA A 71 -3.85 18.52 -27.82
CA ALA A 71 -5.27 18.23 -27.64
C ALA A 71 -6.12 19.50 -27.61
N GLU A 72 -5.63 20.57 -26.99
CA GLU A 72 -6.38 21.82 -26.99
C GLU A 72 -6.48 22.45 -28.38
N LYS A 73 -5.42 22.39 -29.18
CA LYS A 73 -5.54 22.83 -30.57
C LYS A 73 -6.50 21.94 -31.35
N ASP A 74 -6.47 20.63 -31.09
CA ASP A 74 -7.37 19.68 -31.73
C ASP A 74 -8.80 19.74 -31.16
N ALA A 75 -9.02 20.45 -30.06
CA ALA A 75 -10.25 20.38 -29.28
C ALA A 75 -10.57 18.96 -28.77
N ARG A 76 -9.55 18.11 -28.67
CA ARG A 76 -9.67 16.77 -28.11
C ARG A 76 -9.56 16.78 -26.58
N GLU A 77 -9.89 15.70 -25.94
CA GLU A 77 -9.41 15.17 -24.73
C GLU A 77 -8.05 14.51 -24.92
N PRO A 78 -7.04 14.75 -24.08
CA PRO A 78 -5.75 14.10 -24.24
C PRO A 78 -5.75 12.62 -24.01
N SER A 79 -4.86 11.88 -24.61
CA SER A 79 -4.64 10.47 -24.61
C SER A 79 -3.29 10.06 -24.10
N LEU A 80 -3.15 9.47 -22.95
CA LEU A 80 -1.95 9.03 -22.33
C LEU A 80 -1.28 7.85 -23.01
N THR A 81 -2.02 6.93 -23.57
CA THR A 81 -1.56 5.88 -24.39
C THR A 81 -0.70 6.37 -25.53
N LYS A 82 -1.16 7.35 -26.24
CA LYS A 82 -0.51 8.05 -27.28
C LYS A 82 0.82 8.62 -26.86
N ALA A 83 0.85 9.24 -25.69
CA ALA A 83 2.12 9.73 -25.14
C ALA A 83 3.13 8.61 -24.89
N ILE A 84 2.76 7.51 -24.31
CA ILE A 84 3.53 6.34 -24.10
C ILE A 84 4.11 5.81 -25.38
N ILE A 85 3.30 5.63 -26.37
CA ILE A 85 3.59 5.18 -27.69
C ILE A 85 4.64 6.04 -28.36
N LYS A 86 4.33 7.34 -28.46
CA LYS A 86 5.27 8.28 -29.05
C LYS A 86 6.63 8.23 -28.36
N CYS A 87 6.71 8.07 -27.08
CA CYS A 87 7.86 7.95 -26.27
C CYS A 87 8.73 6.75 -26.58
N TYR A 88 8.20 5.57 -26.52
CA TYR A 88 8.85 4.30 -26.49
C TYR A 88 8.97 3.53 -27.79
N TRP A 89 8.12 3.71 -28.75
CA TRP A 89 7.91 2.85 -29.87
C TRP A 89 9.17 2.47 -30.61
N LYS A 90 10.02 3.38 -30.95
CA LYS A 90 11.25 3.17 -31.64
C LYS A 90 12.18 2.21 -30.96
N SER A 91 12.23 2.19 -29.67
CA SER A 91 12.92 1.26 -28.86
C SER A 91 12.30 -0.10 -28.85
N TYR A 92 10.96 -0.17 -28.85
CA TYR A 92 10.21 -1.38 -28.61
C TYR A 92 9.87 -2.16 -29.88
N VAL A 93 9.56 -1.52 -31.00
CA VAL A 93 9.21 -2.24 -32.24
C VAL A 93 10.36 -3.06 -32.79
N VAL A 94 11.61 -2.65 -32.58
CA VAL A 94 12.80 -3.31 -32.95
C VAL A 94 12.92 -4.68 -32.33
N LEU A 95 12.47 -4.88 -31.14
CA LEU A 95 12.46 -6.10 -30.43
C LEU A 95 11.72 -7.20 -31.16
N GLY A 96 10.81 -6.89 -32.01
CA GLY A 96 10.15 -7.77 -32.85
C GLY A 96 10.93 -8.54 -33.84
N ILE A 97 12.11 -8.12 -34.16
CA ILE A 97 13.09 -8.80 -34.91
C ILE A 97 13.48 -10.11 -34.26
N PHE A 98 13.73 -10.12 -32.99
CA PHE A 98 13.96 -11.27 -32.20
C PHE A 98 12.81 -12.26 -32.28
N THR A 99 11.61 -11.80 -32.14
CA THR A 99 10.40 -12.52 -32.31
C THR A 99 10.34 -13.22 -33.64
N LEU A 100 10.54 -12.50 -34.70
CA LEU A 100 10.47 -12.93 -36.05
C LEU A 100 11.47 -14.00 -36.40
N ILE A 101 12.69 -13.90 -35.97
CA ILE A 101 13.73 -14.84 -36.13
C ILE A 101 13.49 -16.13 -35.37
N GLU A 102 13.15 -16.07 -34.13
CA GLU A 102 12.86 -17.19 -33.30
C GLU A 102 11.67 -17.97 -33.80
N GLU A 103 10.59 -17.33 -34.08
CA GLU A 103 9.36 -17.87 -34.52
C GLU A 103 9.45 -18.58 -35.85
N SER A 104 10.18 -18.06 -36.78
CA SER A 104 10.59 -18.66 -38.00
C SER A 104 11.50 -19.86 -37.82
N THR A 105 12.42 -19.78 -36.87
CA THR A 105 13.29 -20.91 -36.58
C THR A 105 12.54 -22.09 -35.95
N ARG A 106 11.53 -21.82 -35.11
CA ARG A 106 10.72 -22.92 -34.57
C ARG A 106 10.02 -23.72 -35.64
N VAL A 107 9.34 -23.12 -36.57
CA VAL A 107 8.54 -23.74 -37.57
C VAL A 107 9.29 -24.55 -38.59
N VAL A 108 10.58 -24.28 -38.80
CA VAL A 108 11.36 -25.19 -39.66
C VAL A 108 11.79 -26.47 -38.96
N GLN A 109 11.98 -26.48 -37.64
CA GLN A 109 12.42 -27.69 -36.97
C GLN A 109 11.54 -28.92 -37.20
N PRO A 110 10.21 -28.83 -37.15
CA PRO A 110 9.39 -30.00 -37.48
C PRO A 110 9.65 -30.58 -38.86
N ILE A 111 9.97 -29.75 -39.85
CA ILE A 111 10.23 -30.24 -41.20
C ILE A 111 11.53 -31.03 -41.25
N ILE A 112 12.53 -30.59 -40.49
CA ILE A 112 13.77 -31.36 -40.36
C ILE A 112 13.53 -32.66 -39.60
N LEU A 113 12.70 -32.62 -38.55
CA LEU A 113 12.32 -33.85 -37.85
C LEU A 113 11.67 -34.87 -38.78
N GLY A 114 10.86 -34.41 -39.73
CA GLY A 114 10.29 -35.32 -40.71
C GLY A 114 11.33 -36.08 -41.54
N LYS A 115 12.46 -35.44 -41.83
CA LYS A 115 13.52 -36.12 -42.58
C LYS A 115 14.22 -37.22 -41.77
N ILE A 116 14.41 -37.04 -40.46
CA ILE A 116 14.99 -38.14 -39.67
C ILE A 116 13.95 -39.20 -39.32
N ILE A 117 12.70 -38.85 -39.01
CA ILE A 117 11.70 -39.90 -38.85
C ILE A 117 11.60 -40.73 -40.12
N GLY A 118 11.66 -40.08 -41.28
CA GLY A 118 11.69 -40.76 -42.56
C GLY A 118 12.95 -41.54 -42.87
N TYR A 119 13.92 -41.57 -41.96
CA TYR A 119 15.02 -42.53 -42.01
C TYR A 119 14.67 -43.83 -41.29
N PHE A 120 13.98 -43.73 -40.15
CA PHE A 120 13.55 -44.93 -39.42
C PHE A 120 12.38 -45.61 -40.13
N GLU A 121 11.44 -44.82 -40.63
CA GLU A 121 10.41 -45.34 -41.52
C GLU A 121 11.03 -45.77 -42.86
N ASN A 122 10.85 -47.05 -43.21
CA ASN A 122 11.57 -47.67 -44.34
C ASN A 122 13.09 -47.62 -44.17
N TYR A 123 13.55 -47.86 -42.95
CA TYR A 123 14.97 -48.03 -42.65
C TYR A 123 15.58 -49.21 -43.39
N ASP A 124 16.71 -48.97 -44.06
CA ASP A 124 17.58 -50.03 -44.58
C ASP A 124 18.97 -49.93 -43.94
N PRO A 125 19.45 -50.99 -43.27
CA PRO A 125 20.71 -50.87 -42.51
C PRO A 125 21.96 -50.82 -43.39
N SER A 126 21.83 -51.12 -44.68
CA SER A 126 22.94 -51.00 -45.63
C SER A 126 23.35 -49.56 -45.93
N ASP A 127 22.43 -48.60 -45.76
CA ASP A 127 22.56 -47.29 -46.42
C ASP A 127 23.33 -46.30 -45.54
N SER A 128 24.65 -46.53 -45.47
CA SER A 128 25.55 -45.64 -44.76
C SER A 128 25.48 -44.20 -45.28
N ALA A 129 25.24 -44.03 -46.58
CA ALA A 129 25.02 -42.69 -47.13
C ALA A 129 23.80 -42.01 -46.52
N ALA A 130 22.71 -42.76 -46.34
CA ALA A 130 21.51 -42.20 -45.71
C ALA A 130 21.75 -41.88 -44.24
N LEU A 131 22.49 -42.74 -43.53
CA LEU A 131 22.83 -42.45 -42.13
C LEU A 131 23.70 -41.20 -42.01
N TYR A 132 24.67 -41.04 -42.91
CA TYR A 132 25.47 -39.81 -42.93
C TYR A 132 24.61 -38.57 -43.16
N GLU A 133 23.67 -38.63 -44.11
CA GLU A 133 22.73 -37.53 -44.31
C GLU A 133 21.84 -37.32 -43.08
N ALA A 134 21.40 -38.40 -42.44
CA ALA A 134 20.58 -38.28 -41.25
C ALA A 134 21.33 -37.61 -40.09
N HIS A 135 22.62 -37.92 -39.94
CA HIS A 135 23.42 -37.15 -38.98
C HIS A 135 23.53 -35.69 -39.35
N GLY A 136 23.50 -35.37 -40.64
CA GLY A 136 23.38 -33.97 -41.06
C GLY A 136 22.15 -33.27 -40.52
N TYR A 137 20.98 -33.88 -40.73
CA TYR A 137 19.73 -33.26 -40.26
C TYR A 137 19.67 -33.13 -38.74
N ALA A 138 20.13 -34.15 -38.01
CA ALA A 138 20.25 -34.00 -36.56
C ALA A 138 21.20 -32.86 -36.19
N GLY A 139 22.24 -32.65 -36.99
CA GLY A 139 23.08 -31.47 -36.82
C GLY A 139 22.33 -30.15 -36.88
N VAL A 140 21.50 -29.97 -37.91
CA VAL A 140 20.74 -28.72 -38.03
C VAL A 140 19.79 -28.52 -36.85
N LEU A 141 19.18 -29.58 -36.33
CA LEU A 141 18.38 -29.42 -35.12
C LEU A 141 19.22 -28.96 -33.93
N SER A 142 20.43 -29.48 -33.79
CA SER A 142 21.32 -28.99 -32.73
C SER A 142 21.63 -27.51 -32.87
N ALA A 143 21.91 -27.04 -34.09
CA ALA A 143 22.19 -25.62 -34.32
C ALA A 143 20.97 -24.75 -34.02
N CYS A 144 19.80 -25.12 -34.57
CA CYS A 144 18.58 -24.37 -34.30
C CYS A 144 18.28 -24.27 -32.80
N THR A 145 18.52 -25.33 -32.06
CA THR A 145 18.31 -25.32 -30.61
C THR A 145 19.16 -24.24 -29.94
N LEU A 146 20.45 -24.16 -30.28
CA LEU A 146 21.30 -23.11 -29.74
C LEU A 146 20.88 -21.71 -30.17
N VAL A 147 20.48 -21.54 -31.43
CA VAL A 147 20.01 -20.23 -31.90
C VAL A 147 18.77 -19.79 -31.13
N LEU A 148 17.81 -20.68 -30.94
CA LEU A 148 16.61 -20.35 -30.18
C LEU A 148 16.94 -19.99 -28.74
N ALA A 149 17.94 -20.64 -28.15
CA ALA A 149 18.32 -20.35 -26.77
C ALA A 149 18.85 -18.93 -26.58
N ILE A 150 19.73 -18.47 -27.48
CA ILE A 150 20.25 -17.11 -27.36
C ILE A 150 19.17 -16.07 -27.66
N LEU A 151 18.31 -16.31 -28.65
CA LEU A 151 17.28 -15.35 -28.99
C LEU A 151 16.25 -15.19 -27.87
N HIS A 152 15.90 -16.26 -27.17
CA HIS A 152 14.99 -16.16 -26.04
C HIS A 152 15.52 -15.20 -24.98
N HIS A 153 16.78 -15.38 -24.58
CA HIS A 153 17.38 -14.49 -23.58
C HIS A 153 17.47 -13.04 -24.06
N LEU A 154 17.85 -12.83 -25.33
CA LEU A 154 17.96 -11.47 -25.84
C LEU A 154 16.61 -10.74 -25.89
N TYR A 155 15.56 -11.36 -26.27
CA TYR A 155 14.23 -10.88 -26.24
C TYR A 155 13.75 -10.58 -24.84
N PHE A 156 13.68 -11.55 -24.00
CA PHE A 156 13.17 -11.51 -22.68
C PHE A 156 13.90 -10.55 -21.76
N TYR A 157 15.21 -10.37 -21.96
CA TYR A 157 15.90 -9.35 -21.19
C TYR A 157 15.38 -7.95 -21.50
N HIS A 158 15.32 -7.53 -22.72
CA HIS A 158 14.99 -6.23 -23.17
C HIS A 158 13.56 -5.82 -22.93
N VAL A 159 12.60 -6.68 -23.12
CA VAL A 159 11.23 -6.50 -22.81
C VAL A 159 10.97 -6.23 -21.35
N GLN A 160 11.70 -6.83 -20.46
CA GLN A 160 11.70 -6.59 -19.07
C GLN A 160 12.14 -5.20 -18.71
N CYS A 161 13.25 -4.76 -19.20
CA CYS A 161 13.77 -3.46 -19.08
C CYS A 161 12.80 -2.39 -19.51
N ALA A 162 12.12 -2.58 -20.59
CA ALA A 162 11.11 -1.76 -21.12
C ALA A 162 10.01 -1.47 -20.14
N GLY A 163 9.50 -2.46 -19.48
CA GLY A 163 8.57 -2.35 -18.47
C GLY A 163 8.99 -1.63 -17.25
N MET A 164 10.20 -1.95 -16.80
CA MET A 164 10.80 -1.23 -15.67
C MET A 164 10.92 0.26 -15.93
N ARG A 165 11.33 0.70 -17.08
CA ARG A 165 11.37 2.05 -17.51
C ARG A 165 10.04 2.73 -17.41
N LEU A 166 9.02 2.17 -17.98
CA LEU A 166 7.69 2.63 -17.96
C LEU A 166 7.15 2.79 -16.56
N ARG A 167 7.38 1.77 -15.73
CA ARG A 167 6.99 1.84 -14.32
C ARG A 167 7.71 2.98 -13.60
N VAL A 168 9.04 3.07 -13.75
CA VAL A 168 9.84 4.11 -13.10
C VAL A 168 9.44 5.51 -13.56
N ALA A 169 9.26 5.70 -14.87
CA ALA A 169 8.80 6.98 -15.39
C ALA A 169 7.44 7.39 -14.85
N MET A 170 6.48 6.53 -14.75
CA MET A 170 5.19 6.73 -14.21
C MET A 170 5.21 7.12 -12.75
N CYS A 171 6.01 6.41 -11.95
CA CYS A 171 6.14 6.78 -10.54
C CYS A 171 6.62 8.21 -10.37
N HIS A 172 7.64 8.61 -11.13
CA HIS A 172 8.11 9.99 -11.07
C HIS A 172 7.02 10.99 -11.41
N MET A 173 6.26 10.74 -12.48
CA MET A 173 5.17 11.64 -12.87
C MET A 173 4.07 11.70 -11.82
N ILE A 174 3.72 10.57 -11.20
CA ILE A 174 2.70 10.59 -10.15
C ILE A 174 3.14 11.44 -8.96
N TYR A 175 4.39 11.27 -8.51
CA TYR A 175 4.84 12.09 -7.37
C TYR A 175 5.02 13.55 -7.75
N ARG A 176 5.51 13.85 -8.95
CA ARG A 176 5.54 15.23 -9.41
C ARG A 176 4.15 15.85 -9.39
N LYS A 177 3.13 15.12 -9.83
CA LYS A 177 1.77 15.62 -9.77
C LYS A 177 1.30 15.83 -8.33
N ALA A 178 1.60 14.88 -7.45
CA ALA A 178 1.15 14.98 -6.05
C ALA A 178 1.60 16.28 -5.40
N LEU A 179 2.84 16.69 -5.65
CA LEU A 179 3.32 17.98 -5.13
C LEU A 179 2.58 19.18 -5.67
N ARG A 180 1.91 19.08 -6.82
CA ARG A 180 1.20 20.21 -7.43
C ARG A 180 -0.30 20.26 -7.15
N LEU A 181 -0.90 19.20 -6.59
CA LEU A 181 -2.35 19.15 -6.43
C LEU A 181 -2.91 20.29 -5.57
N SER A 182 -4.04 20.85 -6.02
CA SER A 182 -4.83 21.84 -5.31
C SER A 182 -5.71 21.20 -4.24
N ASN A 183 -6.27 22.05 -3.37
CA ASN A 183 -7.21 21.58 -2.35
C ASN A 183 -8.46 20.96 -2.95
N SER A 184 -8.93 21.46 -4.09
CA SER A 184 -9.97 20.81 -4.86
C SER A 184 -9.59 19.37 -5.22
N ALA A 185 -8.44 19.20 -5.85
CA ALA A 185 -7.97 17.87 -6.24
C ALA A 185 -7.76 16.95 -5.04
N MET A 186 -7.20 17.45 -3.95
CA MET A 186 -7.07 16.66 -2.73
C MET A 186 -8.41 16.24 -2.13
N GLY A 187 -9.53 16.80 -2.58
CA GLY A 187 -10.83 16.28 -2.22
C GLY A 187 -11.33 15.14 -3.09
N LYS A 188 -10.87 15.11 -4.35
CA LYS A 188 -11.22 14.06 -5.30
C LYS A 188 -10.32 12.82 -5.24
N THR A 189 -9.24 12.84 -4.46
CA THR A 189 -8.32 11.72 -4.34
C THR A 189 -7.97 11.51 -2.87
N THR A 190 -7.33 10.37 -2.57
CA THR A 190 -6.93 10.06 -1.20
C THR A 190 -5.59 9.35 -1.17
N THR A 191 -4.96 9.36 0.01
CA THR A 191 -3.66 8.71 0.19
C THR A 191 -3.69 7.25 -0.24
N GLY A 192 -4.78 6.56 0.08
CA GLY A 192 -4.90 5.17 -0.31
C GLY A 192 -4.97 4.96 -1.81
N GLN A 193 -5.58 5.89 -2.53
CA GLN A 193 -5.54 5.85 -3.99
C GLN A 193 -4.12 6.03 -4.53
N ILE A 194 -3.40 7.05 -4.04
CA ILE A 194 -2.06 7.32 -4.56
C ILE A 194 -1.12 6.17 -4.24
N VAL A 195 -1.21 5.61 -3.04
CA VAL A 195 -0.49 4.39 -2.72
C VAL A 195 -0.86 3.28 -3.70
N ASN A 196 -2.09 3.07 -4.00
CA ASN A 196 -2.58 2.13 -4.94
C ASN A 196 -2.02 2.32 -6.33
N LEU A 197 -1.98 3.53 -6.82
CA LEU A 197 -1.38 3.94 -8.03
C LEU A 197 0.05 3.46 -8.12
N LEU A 198 0.84 3.89 -7.12
CA LEU A 198 2.27 3.61 -7.09
C LEU A 198 2.58 2.16 -6.75
N SER A 199 1.65 1.44 -6.13
CA SER A 199 1.90 0.09 -5.63
C SER A 199 1.42 -1.01 -6.57
N ASN A 200 0.24 -0.88 -7.16
CA ASN A 200 -0.42 -1.97 -7.84
C ASN A 200 -0.76 -1.63 -9.28
N ASP A 201 -1.25 -0.49 -9.58
CA ASP A 201 -1.56 -0.02 -10.88
C ASP A 201 -0.35 0.06 -11.79
N VAL A 202 0.72 0.70 -11.31
CA VAL A 202 1.94 0.77 -12.12
C VAL A 202 2.64 -0.57 -12.28
N ASN A 203 2.40 -1.53 -11.39
CA ASN A 203 3.03 -2.84 -11.57
C ASN A 203 2.49 -3.59 -12.79
N LYS A 204 1.37 -3.27 -13.33
CA LYS A 204 0.85 -3.72 -14.57
C LYS A 204 1.77 -3.43 -15.73
N PHE A 205 2.52 -2.38 -15.69
CA PHE A 205 3.48 -1.96 -16.65
C PHE A 205 4.67 -2.89 -16.80
N ASP A 206 5.09 -3.58 -15.79
CA ASP A 206 6.04 -4.62 -15.84
C ASP A 206 5.65 -5.74 -16.75
N GLN A 207 4.40 -6.04 -16.85
CA GLN A 207 3.75 -7.11 -17.51
C GLN A 207 3.52 -6.90 -18.98
N VAL A 208 2.96 -5.81 -19.38
CA VAL A 208 2.55 -5.48 -20.69
C VAL A 208 3.63 -5.73 -21.69
N THR A 209 4.79 -5.19 -21.48
CA THR A 209 5.90 -5.18 -22.34
C THR A 209 6.40 -6.55 -22.72
N ILE A 210 6.18 -7.55 -21.95
CA ILE A 210 6.62 -8.88 -22.13
C ILE A 210 6.00 -9.52 -23.35
N PHE A 211 4.72 -9.54 -23.44
CA PHE A 211 3.87 -10.30 -24.31
C PHE A 211 3.38 -9.61 -25.55
N LEU A 212 3.55 -8.29 -25.64
CA LEU A 212 2.85 -7.43 -26.59
C LEU A 212 3.15 -7.76 -28.06
N HIS A 213 4.34 -8.26 -28.41
CA HIS A 213 4.65 -8.72 -29.78
C HIS A 213 3.90 -9.97 -30.21
N PHE A 214 3.39 -10.80 -29.30
CA PHE A 214 2.65 -11.98 -29.54
C PHE A 214 1.25 -11.76 -30.03
N LEU A 215 0.74 -10.52 -29.98
CA LEU A 215 -0.54 -10.14 -30.57
C LEU A 215 -0.55 -10.29 -32.08
N TRP A 216 0.58 -10.09 -32.78
CA TRP A 216 0.69 -10.37 -34.21
C TRP A 216 1.39 -11.70 -34.51
N ALA A 217 2.33 -12.18 -33.70
CA ALA A 217 2.99 -13.41 -33.85
C ALA A 217 2.09 -14.61 -33.64
N GLY A 218 1.10 -14.54 -32.80
CA GLY A 218 0.10 -15.47 -32.66
C GLY A 218 -0.71 -15.78 -33.84
N PRO A 219 -1.53 -14.84 -34.32
CA PRO A 219 -2.26 -14.94 -35.59
C PRO A 219 -1.40 -15.31 -36.80
N LEU A 220 -0.18 -14.78 -36.92
CA LEU A 220 0.76 -15.07 -37.94
C LEU A 220 1.22 -16.51 -37.94
N GLN A 221 1.60 -17.05 -36.84
CA GLN A 221 1.96 -18.41 -36.65
C GLN A 221 0.83 -19.37 -36.96
N ALA A 222 -0.39 -19.03 -36.54
CA ALA A 222 -1.58 -19.85 -36.78
C ALA A 222 -1.85 -20.04 -38.28
N ILE A 223 -1.65 -19.02 -39.12
CA ILE A 223 -1.78 -19.15 -40.58
C ILE A 223 -0.57 -19.86 -41.22
N VAL A 224 0.66 -19.66 -40.74
CA VAL A 224 1.84 -20.32 -41.18
C VAL A 224 1.83 -21.82 -40.91
N VAL A 225 1.50 -22.27 -39.75
CA VAL A 225 1.36 -23.65 -39.43
C VAL A 225 0.29 -24.33 -40.25
N THR A 226 -0.81 -23.70 -40.50
CA THR A 226 -1.86 -24.15 -41.33
C THR A 226 -1.41 -24.38 -42.75
N ALA A 227 -0.68 -23.47 -43.32
CA ALA A 227 -0.03 -23.56 -44.57
C ALA A 227 0.90 -24.74 -44.67
N LEU A 228 1.71 -24.96 -43.69
CA LEU A 228 2.60 -26.06 -43.53
C LEU A 228 1.88 -27.39 -43.43
N LEU A 229 0.94 -27.49 -42.55
CA LEU A 229 0.08 -28.61 -42.34
C LEU A 229 -0.65 -29.06 -43.57
N TRP A 230 -1.08 -28.18 -44.41
CA TRP A 230 -1.70 -28.44 -45.66
C TRP A 230 -0.88 -29.34 -46.54
N MET A 231 0.43 -29.12 -46.55
CA MET A 231 1.35 -29.99 -47.30
C MET A 231 1.61 -31.33 -46.64
N GLU A 232 1.24 -31.51 -45.36
CA GLU A 232 1.42 -32.79 -44.68
C GLU A 232 0.16 -33.63 -44.61
N ILE A 233 -0.99 -33.12 -44.30
CA ILE A 233 -2.22 -33.76 -44.02
C ILE A 233 -3.41 -33.33 -44.86
N GLY A 234 -3.15 -32.47 -45.85
CA GLY A 234 -4.17 -31.97 -46.75
C GLY A 234 -5.28 -31.16 -46.09
N ILE A 235 -6.47 -31.24 -46.58
CA ILE A 235 -7.66 -30.60 -46.14
C ILE A 235 -7.96 -30.81 -44.68
N SER A 236 -7.53 -31.87 -44.09
CA SER A 236 -7.72 -32.23 -42.74
C SER A 236 -7.29 -31.17 -41.76
N CYS A 237 -6.29 -30.40 -42.04
CA CYS A 237 -5.78 -29.33 -41.26
C CYS A 237 -6.77 -28.22 -41.04
N LEU A 238 -7.71 -28.06 -41.90
CA LEU A 238 -8.77 -27.12 -41.88
C LEU A 238 -9.66 -27.29 -40.68
N ALA A 239 -9.85 -28.47 -40.20
CA ALA A 239 -10.48 -28.86 -38.99
C ALA A 239 -9.77 -28.38 -37.75
N GLY A 240 -8.50 -28.21 -37.77
CA GLY A 240 -7.75 -27.55 -36.81
C GLY A 240 -7.84 -26.08 -36.74
N MET A 241 -7.73 -25.43 -37.90
CA MET A 241 -8.00 -23.99 -38.06
C MET A 241 -9.40 -23.63 -37.58
N ALA A 242 -10.39 -24.51 -37.73
CA ALA A 242 -11.70 -24.42 -37.23
C ALA A 242 -11.80 -24.23 -35.74
N VAL A 243 -10.89 -24.72 -34.96
CA VAL A 243 -10.75 -24.49 -33.56
C VAL A 243 -10.16 -23.15 -33.23
N LEU A 244 -9.04 -22.82 -33.88
CA LEU A 244 -8.30 -21.57 -33.63
C LEU A 244 -9.12 -20.33 -34.02
N ILE A 245 -9.87 -20.38 -35.11
CA ILE A 245 -10.79 -19.31 -35.52
C ILE A 245 -11.96 -19.11 -34.54
N ILE A 246 -12.13 -19.98 -33.54
CA ILE A 246 -12.99 -19.87 -32.41
C ILE A 246 -12.31 -19.39 -31.15
N LEU A 247 -11.30 -20.06 -30.70
CA LEU A 247 -10.57 -19.81 -29.52
C LEU A 247 -9.98 -18.43 -29.48
N LEU A 248 -9.27 -18.03 -30.55
CA LEU A 248 -8.53 -16.76 -30.56
C LEU A 248 -9.47 -15.55 -30.55
N PRO A 249 -10.53 -15.48 -31.38
CA PRO A 249 -11.53 -14.43 -31.26
C PRO A 249 -12.24 -14.43 -29.91
N LEU A 250 -12.54 -15.59 -29.32
CA LEU A 250 -13.14 -15.68 -27.99
C LEU A 250 -12.21 -15.14 -26.91
N GLN A 251 -10.95 -15.56 -26.88
CA GLN A 251 -9.89 -15.10 -26.04
C GLN A 251 -9.70 -13.61 -26.11
N SER A 252 -9.68 -13.04 -27.32
CA SER A 252 -9.59 -11.60 -27.52
C SER A 252 -10.83 -10.87 -27.01
N CYS A 253 -12.02 -11.33 -27.35
CA CYS A 253 -13.29 -10.72 -26.97
C CYS A 253 -13.52 -10.72 -25.44
N ILE A 254 -12.98 -11.70 -24.72
CA ILE A 254 -12.94 -11.76 -23.25
C ILE A 254 -12.16 -10.62 -22.60
N GLY A 255 -11.32 -9.86 -23.32
CA GLY A 255 -10.57 -8.73 -22.77
C GLY A 255 -11.45 -7.70 -22.04
N LYS A 256 -12.68 -7.48 -22.50
CA LYS A 256 -13.67 -6.59 -21.88
C LYS A 256 -14.05 -7.02 -20.46
N LEU A 257 -13.97 -8.31 -20.14
CA LEU A 257 -14.19 -8.87 -18.85
C LEU A 257 -13.06 -8.60 -17.89
N PHE A 258 -11.86 -8.84 -18.26
CA PHE A 258 -10.67 -8.53 -17.55
C PHE A 258 -10.61 -7.07 -17.13
N SER A 259 -10.91 -6.16 -18.06
CA SER A 259 -10.83 -4.72 -17.76
C SER A 259 -11.94 -4.24 -16.84
N SER A 260 -13.19 -4.72 -16.98
CA SER A 260 -14.28 -4.47 -16.11
C SER A 260 -14.10 -5.05 -14.73
N LEU A 261 -13.59 -6.22 -14.58
CA LEU A 261 -13.22 -6.84 -13.38
C LEU A 261 -12.08 -6.15 -12.67
N ARG A 262 -11.09 -5.71 -13.36
CA ARG A 262 -10.00 -4.92 -12.91
C ARG A 262 -10.44 -3.60 -12.32
N SER A 263 -11.21 -2.85 -13.01
CA SER A 263 -11.73 -1.59 -12.61
C SER A 263 -12.55 -1.67 -11.35
N LYS A 264 -13.44 -2.60 -11.26
CA LYS A 264 -14.19 -2.97 -10.11
C LYS A 264 -13.35 -3.35 -8.92
N THR A 265 -12.35 -4.16 -9.09
CA THR A 265 -11.38 -4.53 -8.13
C THR A 265 -10.62 -3.34 -7.59
N ALA A 266 -10.14 -2.50 -8.45
CA ALA A 266 -9.36 -1.34 -8.21
C ALA A 266 -10.01 -0.39 -7.24
N ALA A 267 -11.27 -0.13 -7.37
CA ALA A 267 -12.10 0.61 -6.49
C ALA A 267 -12.04 0.12 -5.05
N PHE A 268 -12.25 -1.17 -4.87
CA PHE A 268 -12.21 -1.75 -3.52
C PHE A 268 -10.80 -1.73 -2.90
N THR A 269 -9.76 -1.92 -3.69
CA THR A 269 -8.39 -1.73 -3.17
C THR A 269 -8.16 -0.31 -2.65
N ASP A 270 -8.67 0.71 -3.35
CA ASP A 270 -8.51 2.08 -2.87
C ASP A 270 -9.13 2.28 -1.50
N THR A 271 -10.39 1.89 -1.33
CA THR A 271 -11.06 2.08 -0.05
C THR A 271 -10.47 1.22 1.05
N ARG A 272 -10.02 0.01 0.73
CA ARG A 272 -9.34 -0.81 1.73
C ARG A 272 -8.03 -0.19 2.18
N ILE A 273 -7.15 0.19 1.25
CA ILE A 273 -5.87 0.78 1.64
C ILE A 273 -6.10 2.09 2.41
N ARG A 274 -7.08 2.88 1.99
CA ARG A 274 -7.43 4.08 2.75
C ARG A 274 -7.85 3.75 4.18
N THR A 275 -8.70 2.74 4.37
CA THR A 275 -9.12 2.36 5.71
C THR A 275 -7.96 1.84 6.55
N MET A 276 -7.04 1.09 5.94
CA MET A 276 -5.83 0.70 6.65
C MET A 276 -5.00 1.90 7.08
N ASN A 277 -4.85 2.88 6.20
CA ASN A 277 -4.10 4.08 6.55
C ASN A 277 -4.71 4.82 7.73
N GLU A 278 -6.03 4.99 7.77
CA GLU A 278 -6.65 5.67 8.91
C GLU A 278 -6.70 4.81 10.18
N VAL A 279 -6.63 3.48 10.07
CA VAL A 279 -6.37 2.65 11.25
C VAL A 279 -4.95 2.85 11.77
N ILE A 280 -3.95 2.68 10.91
CA ILE A 280 -2.54 2.72 11.36
C ILE A 280 -2.19 4.07 11.97
N THR A 281 -2.65 5.16 11.37
CA THR A 281 -2.43 6.48 11.97
C THR A 281 -3.35 6.80 13.14
N GLY A 282 -4.48 6.13 13.28
CA GLY A 282 -5.41 6.34 14.38
C GLY A 282 -5.36 5.35 15.51
N ILE A 283 -4.35 4.47 15.56
CA ILE A 283 -4.43 3.28 16.40
C ILE A 283 -4.54 3.61 17.89
N ARG A 284 -3.87 4.65 18.35
CA ARG A 284 -4.04 5.06 19.75
C ARG A 284 -5.50 5.39 20.10
N ILE A 285 -6.15 6.26 19.33
CA ILE A 285 -7.54 6.60 19.62
C ILE A 285 -8.47 5.40 19.42
N ILE A 286 -8.19 4.55 18.42
CA ILE A 286 -8.97 3.32 18.26
C ILE A 286 -8.84 2.41 19.48
N LYS A 287 -7.63 2.25 20.00
CA LYS A 287 -7.42 1.43 21.19
C LYS A 287 -8.10 2.02 22.44
N MET A 288 -7.92 3.31 22.69
CA MET A 288 -8.57 3.92 23.86
C MET A 288 -10.09 3.89 23.78
N TYR A 289 -10.67 4.00 22.58
CA TYR A 289 -12.12 3.83 22.44
C TYR A 289 -12.56 2.37 22.40
N ALA A 290 -11.64 1.43 22.26
CA ALA A 290 -11.97 0.03 22.03
C ALA A 290 -12.84 -0.19 20.79
N TRP A 291 -12.58 0.58 19.72
CA TRP A 291 -13.33 0.51 18.48
C TRP A 291 -12.81 -0.55 17.50
N GLU A 292 -11.92 -1.45 17.93
CA GLU A 292 -11.32 -2.41 17.00
C GLU A 292 -12.35 -3.21 16.22
N LYS A 293 -13.43 -3.64 16.87
CA LYS A 293 -14.42 -4.48 16.18
C LYS A 293 -15.13 -3.76 15.04
N SER A 294 -15.35 -2.46 15.13
CA SER A 294 -15.97 -1.74 14.03
C SER A 294 -15.09 -1.72 12.78
N PHE A 295 -13.82 -1.36 12.93
CA PHE A 295 -12.90 -1.39 11.80
C PHE A 295 -12.65 -2.78 11.24
N ALA A 296 -12.66 -3.81 12.09
CA ALA A 296 -12.52 -5.17 11.58
C ALA A 296 -13.69 -5.57 10.69
N ASP A 297 -14.91 -5.23 11.09
CA ASP A 297 -16.08 -5.49 10.26
C ASP A 297 -15.99 -4.76 8.92
N LEU A 298 -15.59 -3.49 8.95
CA LEU A 298 -15.47 -2.69 7.75
C LEU A 298 -14.43 -3.22 6.78
N ILE A 299 -13.23 -3.53 7.28
CA ILE A 299 -12.20 -4.13 6.43
C ILE A 299 -12.64 -5.49 5.88
N THR A 300 -13.30 -6.30 6.70
CA THR A 300 -13.74 -7.62 6.23
C THR A 300 -14.70 -7.52 5.06
N ASN A 301 -15.66 -6.60 5.10
CA ASN A 301 -16.58 -6.46 3.98
C ASN A 301 -15.90 -5.94 2.72
N LEU A 302 -15.03 -4.94 2.83
CA LEU A 302 -14.29 -4.48 1.65
C LEU A 302 -13.45 -5.61 1.07
N ARG A 303 -12.76 -6.36 1.92
CA ARG A 303 -11.96 -7.50 1.47
C ARG A 303 -12.84 -8.57 0.82
N ARG A 304 -14.05 -8.78 1.32
CA ARG A 304 -14.98 -9.72 0.72
C ARG A 304 -15.46 -9.27 -0.66
N LYS A 305 -15.86 -8.01 -0.79
CA LYS A 305 -16.22 -7.46 -2.09
C LYS A 305 -15.06 -7.59 -3.07
N GLU A 306 -13.86 -7.23 -2.63
CA GLU A 306 -12.65 -7.33 -3.45
C GLU A 306 -12.33 -8.75 -3.88
N ILE A 307 -12.36 -9.70 -2.95
CA ILE A 307 -12.11 -11.10 -3.29
C ILE A 307 -13.13 -11.69 -4.26
N SER A 308 -14.39 -11.27 -4.18
CA SER A 308 -15.37 -11.78 -5.15
C SER A 308 -14.99 -11.46 -6.59
N LYS A 309 -14.35 -10.32 -6.84
CA LYS A 309 -13.89 -9.99 -8.19
C LYS A 309 -12.58 -10.69 -8.54
N ILE A 310 -11.69 -10.86 -7.57
CA ILE A 310 -10.48 -11.65 -7.79
C ILE A 310 -10.80 -13.10 -8.13
N LEU A 311 -11.82 -13.67 -7.49
CA LEU A 311 -12.21 -15.05 -7.82
C LEU A 311 -12.74 -15.17 -9.24
N ARG A 312 -13.56 -14.29 -9.71
CA ARG A 312 -14.03 -14.20 -11.04
C ARG A 312 -12.92 -14.12 -12.05
N SER A 313 -12.04 -13.19 -11.94
CA SER A 313 -10.89 -13.00 -12.76
C SER A 313 -9.98 -14.20 -12.75
N SER A 314 -9.77 -14.75 -11.56
CA SER A 314 -8.93 -15.95 -11.43
C SER A 314 -9.44 -17.13 -12.25
N TYR A 315 -10.71 -17.34 -12.38
CA TYR A 315 -11.31 -18.32 -13.20
C TYR A 315 -11.09 -18.09 -14.68
N LEU A 316 -11.18 -16.90 -15.15
CA LEU A 316 -10.80 -16.49 -16.46
C LEU A 316 -9.35 -16.80 -16.75
N ARG A 317 -8.47 -16.43 -15.89
CA ARG A 317 -7.09 -16.74 -15.87
C ARG A 317 -6.84 -18.23 -15.94
N GLY A 318 -7.58 -18.96 -15.09
CA GLY A 318 -7.45 -20.41 -15.04
C GLY A 318 -7.87 -21.13 -16.30
N MET A 319 -8.91 -20.74 -16.96
CA MET A 319 -9.35 -21.20 -18.22
C MET A 319 -8.33 -21.04 -19.33
N ASN A 320 -7.60 -19.97 -19.36
CA ASN A 320 -6.50 -19.72 -20.21
C ASN A 320 -5.36 -20.69 -20.05
N LEU A 321 -4.97 -20.94 -18.80
CA LEU A 321 -3.93 -21.94 -18.55
C LEU A 321 -4.42 -23.38 -18.77
N ALA A 322 -5.71 -23.64 -18.59
CA ALA A 322 -6.26 -24.91 -19.04
C ALA A 322 -6.17 -25.07 -20.55
N SER A 323 -6.50 -24.08 -21.32
CA SER A 323 -6.37 -23.97 -22.72
C SER A 323 -4.99 -24.30 -23.22
N PHE A 324 -3.97 -23.76 -22.64
CA PHE A 324 -2.61 -24.05 -22.88
C PHE A 324 -2.28 -25.52 -22.76
N PHE A 325 -2.89 -26.17 -21.79
CA PHE A 325 -2.68 -27.61 -21.60
C PHE A 325 -3.49 -28.46 -22.59
N VAL A 326 -4.79 -28.19 -22.72
CA VAL A 326 -5.69 -29.10 -23.44
C VAL A 326 -5.87 -28.76 -24.92
N ALA A 327 -5.71 -27.56 -25.36
CA ALA A 327 -6.05 -27.08 -26.65
C ALA A 327 -5.36 -27.82 -27.77
N SER A 328 -4.09 -28.02 -27.71
CA SER A 328 -3.33 -28.81 -28.61
C SER A 328 -3.82 -30.22 -28.75
N LYS A 329 -4.19 -30.84 -27.61
CA LYS A 329 -4.77 -32.18 -27.66
C LYS A 329 -6.12 -32.20 -28.36
N ILE A 330 -6.98 -31.27 -28.17
CA ILE A 330 -8.20 -31.09 -28.84
C ILE A 330 -8.01 -30.97 -30.32
N ILE A 331 -7.14 -30.12 -30.75
CA ILE A 331 -6.77 -29.83 -32.08
C ILE A 331 -6.29 -31.05 -32.85
N VAL A 332 -5.29 -31.74 -32.29
CA VAL A 332 -4.80 -32.93 -32.99
C VAL A 332 -5.83 -34.06 -32.99
N PHE A 333 -6.70 -34.13 -31.99
CA PHE A 333 -7.79 -35.10 -32.05
C PHE A 333 -8.75 -34.79 -33.18
N VAL A 334 -9.25 -33.61 -33.29
CA VAL A 334 -10.11 -33.11 -34.29
C VAL A 334 -9.57 -33.37 -35.68
N THR A 335 -8.35 -33.08 -35.96
CA THR A 335 -7.70 -33.28 -37.20
C THR A 335 -7.55 -34.74 -37.58
N PHE A 336 -6.91 -35.52 -36.72
CA PHE A 336 -6.67 -36.92 -37.10
C PHE A 336 -7.98 -37.73 -37.15
N THR A 337 -8.99 -37.36 -36.38
CA THR A 337 -10.32 -37.91 -36.62
C THR A 337 -10.79 -37.63 -38.03
N THR A 338 -10.63 -36.40 -38.49
CA THR A 338 -10.99 -36.03 -39.85
C THR A 338 -10.14 -36.78 -40.86
N TYR A 339 -8.84 -36.87 -40.61
CA TYR A 339 -7.92 -37.56 -41.51
C TYR A 339 -8.30 -39.03 -41.71
N VAL A 340 -8.64 -39.75 -40.63
CA VAL A 340 -9.07 -41.14 -40.77
C VAL A 340 -10.49 -41.27 -41.32
N PHE A 341 -11.40 -40.33 -41.02
CA PHE A 341 -12.72 -40.36 -41.67
C PHE A 341 -12.63 -40.15 -43.18
N LEU A 342 -11.74 -39.27 -43.63
CA LEU A 342 -11.54 -39.09 -45.06
C LEU A 342 -10.80 -40.26 -45.71
N GLY A 343 -10.33 -41.24 -44.92
CA GLY A 343 -9.86 -42.50 -45.45
C GLY A 343 -8.36 -42.68 -45.55
N ASN A 344 -7.57 -41.71 -45.09
CA ASN A 344 -6.13 -41.90 -44.91
C ASN A 344 -5.87 -42.86 -43.74
N VAL A 345 -4.62 -43.34 -43.64
CA VAL A 345 -4.20 -44.20 -42.55
C VAL A 345 -3.03 -43.57 -41.78
N ILE A 346 -3.03 -43.82 -40.47
CA ILE A 346 -2.06 -43.24 -39.53
C ILE A 346 -0.67 -43.82 -39.75
N THR A 347 0.30 -42.95 -40.08
CA THR A 347 1.68 -43.33 -40.31
C THR A 347 2.61 -42.28 -39.72
N ALA A 348 3.78 -42.73 -39.27
CA ALA A 348 4.61 -41.97 -38.34
C ALA A 348 5.07 -40.63 -38.91
N SER A 349 5.61 -40.61 -40.12
CA SER A 349 6.18 -39.37 -40.67
C SER A 349 5.15 -38.25 -40.82
N ARG A 350 3.95 -38.53 -41.33
CA ARG A 350 2.93 -37.49 -41.45
C ARG A 350 2.37 -37.07 -40.10
N VAL A 351 1.99 -38.04 -39.26
CA VAL A 351 1.36 -37.74 -37.98
C VAL A 351 2.28 -36.96 -37.04
N PHE A 352 3.52 -37.42 -36.85
CA PHE A 352 4.38 -36.72 -35.89
C PHE A 352 4.98 -35.42 -36.39
N VAL A 353 5.13 -35.21 -37.69
CA VAL A 353 5.44 -33.85 -38.15
C VAL A 353 4.27 -32.91 -37.89
N ALA A 354 3.04 -33.40 -38.04
CA ALA A 354 1.87 -32.58 -37.71
C ALA A 354 1.79 -32.28 -36.21
N VAL A 355 1.96 -33.28 -35.36
CA VAL A 355 2.04 -33.03 -33.91
C VAL A 355 3.17 -32.08 -33.57
N SER A 356 4.35 -32.28 -34.17
CA SER A 356 5.47 -31.36 -33.95
C SER A 356 5.20 -29.94 -34.46
N LEU A 357 4.53 -29.73 -35.53
CA LEU A 357 4.10 -28.47 -36.04
C LEU A 357 3.25 -27.69 -35.05
N TYR A 358 2.26 -28.28 -34.50
CA TYR A 358 1.49 -27.78 -33.43
C TYR A 358 2.32 -27.46 -32.21
N GLY A 359 3.22 -28.37 -31.85
CA GLY A 359 4.12 -28.10 -30.75
C GLY A 359 4.99 -26.87 -30.94
N ALA A 360 5.41 -26.61 -32.18
CA ALA A 360 6.24 -25.44 -32.47
C ALA A 360 5.50 -24.11 -32.30
N VAL A 361 4.23 -24.03 -32.46
CA VAL A 361 3.35 -22.92 -32.30
C VAL A 361 2.70 -22.80 -30.95
N ARG A 362 2.61 -23.83 -30.17
CA ARG A 362 1.85 -24.01 -28.99
C ARG A 362 1.98 -22.88 -28.00
N LEU A 363 3.17 -22.54 -27.59
CA LEU A 363 3.49 -21.46 -26.73
C LEU A 363 2.93 -20.15 -27.21
N THR A 364 3.28 -19.75 -28.39
CA THR A 364 2.96 -18.53 -29.04
C THR A 364 1.47 -18.28 -29.13
N VAL A 365 0.74 -19.22 -29.63
CA VAL A 365 -0.66 -19.18 -29.88
C VAL A 365 -1.52 -19.40 -28.65
N THR A 366 -1.30 -20.42 -27.89
CA THR A 366 -2.09 -20.89 -26.82
C THR A 366 -1.81 -20.29 -25.46
N LEU A 367 -0.65 -19.81 -25.19
CA LEU A 367 -0.16 -19.21 -24.00
C LEU A 367 0.12 -17.74 -24.09
N PHE A 368 1.03 -17.33 -24.90
CA PHE A 368 1.48 -16.00 -25.09
C PHE A 368 0.43 -15.06 -25.65
N PHE A 369 -0.35 -15.48 -26.65
CA PHE A 369 -1.44 -14.65 -27.18
C PHE A 369 -2.52 -14.37 -26.13
N PRO A 370 -3.15 -15.35 -25.44
CA PRO A 370 -4.15 -15.02 -24.44
C PRO A 370 -3.68 -14.22 -23.27
N SER A 371 -2.51 -14.46 -22.78
CA SER A 371 -1.82 -13.71 -21.78
C SER A 371 -1.57 -12.28 -22.19
N ALA A 372 -1.21 -12.02 -23.41
CA ALA A 372 -1.13 -10.74 -24.01
C ALA A 372 -2.42 -9.97 -23.89
N VAL A 373 -3.54 -10.56 -24.32
CA VAL A 373 -4.86 -9.92 -24.27
C VAL A 373 -5.23 -9.56 -22.84
N GLU A 374 -4.98 -10.47 -21.91
CA GLU A 374 -5.10 -10.33 -20.51
C GLU A 374 -4.36 -9.13 -19.98
N LYS A 375 -3.07 -9.13 -20.08
CA LYS A 375 -2.17 -8.13 -19.61
C LYS A 375 -2.43 -6.75 -20.18
N VAL A 376 -2.79 -6.66 -21.46
CA VAL A 376 -3.10 -5.39 -22.14
C VAL A 376 -4.44 -4.81 -21.69
N SER A 377 -5.51 -5.60 -21.70
CA SER A 377 -6.83 -5.13 -21.23
C SER A 377 -6.83 -4.73 -19.77
N GLU A 378 -6.04 -5.39 -18.93
CA GLU A 378 -5.76 -5.09 -17.58
C GLU A 378 -5.01 -3.79 -17.41
N ALA A 379 -4.02 -3.53 -18.20
CA ALA A 379 -3.19 -2.38 -18.23
C ALA A 379 -3.84 -1.09 -18.70
N PHE A 380 -4.77 -1.14 -19.66
CA PHE A 380 -5.52 0.05 -20.10
C PHE A 380 -6.31 0.68 -18.97
N VAL A 381 -6.74 -0.10 -17.96
CA VAL A 381 -7.36 0.43 -16.75
C VAL A 381 -6.38 1.27 -15.96
N SER A 382 -5.16 0.81 -15.71
CA SER A 382 -4.10 1.51 -15.08
C SER A 382 -3.80 2.83 -15.74
N ILE A 383 -3.78 2.89 -17.03
CA ILE A 383 -3.60 4.05 -17.84
C ILE A 383 -4.69 5.06 -17.65
N ARG A 384 -5.94 4.62 -17.57
CA ARG A 384 -7.11 5.48 -17.34
C ARG A 384 -7.12 6.03 -15.93
N ARG A 385 -6.78 5.22 -14.91
CA ARG A 385 -6.62 5.59 -13.55
C ARG A 385 -5.57 6.66 -13.37
N ILE A 386 -4.40 6.48 -13.90
CA ILE A 386 -3.31 7.39 -13.93
C ILE A 386 -3.65 8.67 -14.63
N LYS A 387 -4.23 8.64 -15.79
CA LYS A 387 -4.65 9.74 -16.57
C LYS A 387 -5.55 10.68 -15.80
N ASN A 388 -6.57 10.18 -15.20
CA ASN A 388 -7.49 10.88 -14.39
C ASN A 388 -6.82 11.61 -13.26
N PHE A 389 -5.82 11.05 -12.65
CA PHE A 389 -4.94 11.64 -11.70
C PHE A 389 -4.17 12.81 -12.26
N LEU A 390 -3.49 12.64 -13.35
CA LEU A 390 -2.72 13.59 -14.06
C LEU A 390 -3.50 14.78 -14.54
N LEU A 391 -4.76 14.68 -14.78
CA LEU A 391 -5.70 15.68 -15.13
C LEU A 391 -6.31 16.46 -13.97
N LEU A 392 -6.07 16.05 -12.73
CA LEU A 392 -6.59 16.78 -11.57
C LEU A 392 -6.06 18.22 -11.51
N ASP A 393 -6.82 19.05 -10.79
CA ASP A 393 -6.56 20.48 -10.64
C ASP A 393 -5.28 20.79 -9.87
N GLU A 394 -4.49 21.75 -10.38
CA GLU A 394 -3.19 22.13 -9.81
C GLU A 394 -3.20 23.57 -9.34
N ILE A 395 -2.46 23.83 -8.26
CA ILE A 395 -2.45 25.15 -7.61
C ILE A 395 -1.76 26.19 -8.49
N MET A 408 9.44 44.79 0.56
CA MET A 408 8.68 43.63 1.02
C MET A 408 7.37 44.06 1.64
N ILE A 409 6.32 43.24 1.42
CA ILE A 409 4.97 43.58 1.86
C ILE A 409 4.12 42.33 1.82
N VAL A 410 3.03 42.34 2.58
CA VAL A 410 1.87 41.50 2.34
C VAL A 410 0.66 42.42 2.20
N ASN A 411 -0.11 42.23 1.13
CA ASN A 411 -1.23 43.11 0.82
C ASN A 411 -2.40 42.29 0.31
N VAL A 412 -3.60 42.57 0.83
CA VAL A 412 -4.85 41.94 0.40
C VAL A 412 -5.90 43.02 0.20
N GLN A 413 -6.63 42.96 -0.92
CA GLN A 413 -7.64 43.97 -1.24
C GLN A 413 -8.89 43.35 -1.83
N ASP A 414 -10.06 43.82 -1.36
CA ASP A 414 -11.39 43.39 -1.83
C ASP A 414 -11.59 41.88 -1.85
N PHE A 415 -10.83 41.12 -1.08
CA PHE A 415 -10.70 39.68 -1.26
C PHE A 415 -11.96 38.93 -0.84
N THR A 416 -12.47 38.04 -1.70
CA THR A 416 -13.54 37.11 -1.38
C THR A 416 -13.23 35.75 -2.01
N ALA A 417 -13.42 34.67 -1.24
CA ALA A 417 -13.09 33.34 -1.73
C ALA A 417 -13.95 32.27 -1.08
N PHE A 418 -14.10 31.13 -1.79
CA PHE A 418 -14.87 29.97 -1.35
C PHE A 418 -13.98 28.74 -1.34
N TRP A 419 -13.94 28.02 -0.22
CA TRP A 419 -13.25 26.72 -0.22
C TRP A 419 -13.91 25.73 -1.17
N ASP A 420 -15.24 25.73 -1.24
CA ASP A 420 -15.99 24.95 -2.23
C ASP A 420 -17.06 25.82 -2.84
N LYS A 421 -17.07 25.91 -4.18
CA LYS A 421 -18.02 26.76 -4.88
C LYS A 421 -19.48 26.35 -4.69
N ALA A 422 -19.74 25.12 -4.25
CA ALA A 422 -21.09 24.70 -3.89
C ALA A 422 -21.60 25.32 -2.60
N SER A 423 -20.74 25.91 -1.78
CA SER A 423 -21.18 26.55 -0.55
C SER A 423 -22.11 27.73 -0.82
N ASP A 424 -23.13 27.89 0.04
CA ASP A 424 -24.02 29.04 -0.06
C ASP A 424 -23.36 30.34 0.37
N THR A 425 -22.35 30.27 1.23
CA THR A 425 -21.70 31.46 1.79
C THR A 425 -20.21 31.44 1.54
N PRO A 426 -19.59 32.60 1.37
CA PRO A 426 -18.13 32.63 1.21
C PRO A 426 -17.42 32.29 2.51
N THR A 427 -16.20 31.77 2.36
CA THR A 427 -15.40 31.43 3.52
C THR A 427 -14.47 32.58 3.94
N LEU A 428 -14.20 33.52 3.04
CA LEU A 428 -13.72 34.85 3.38
C LEU A 428 -14.44 35.86 2.51
N GLN A 429 -14.84 36.99 3.09
CA GLN A 429 -15.54 38.02 2.33
C GLN A 429 -15.07 39.43 2.66
N SER A 430 -14.89 40.24 1.60
CA SER A 430 -14.49 41.65 1.69
C SER A 430 -13.29 41.92 2.61
N LEU A 431 -12.32 41.01 2.63
CA LEU A 431 -11.07 41.28 3.34
C LEU A 431 -10.25 42.34 2.63
N SER A 432 -9.73 43.30 3.38
CA SER A 432 -8.54 44.05 2.98
C SER A 432 -7.66 44.34 4.19
N PHE A 433 -6.35 44.15 4.02
CA PHE A 433 -5.35 44.47 5.04
C PHE A 433 -3.99 44.53 4.37
N THR A 434 -3.02 45.15 5.06
CA THR A 434 -1.64 45.07 4.63
C THR A 434 -0.70 45.16 5.83
N VAL A 435 0.45 44.51 5.72
CA VAL A 435 1.46 44.46 6.76
C VAL A 435 2.84 44.48 6.12
N ARG A 436 3.79 45.11 6.80
CA ARG A 436 5.08 45.50 6.25
C ARG A 436 6.18 45.26 7.28
N PRO A 437 7.44 45.26 6.85
CA PRO A 437 8.51 44.75 7.71
C PRO A 437 8.55 45.37 9.10
N GLY A 438 8.64 44.51 10.11
CA GLY A 438 8.61 44.89 11.51
C GLY A 438 7.23 44.94 12.14
N GLU A 439 6.15 44.91 11.36
CA GLU A 439 4.80 44.89 11.92
C GLU A 439 4.33 43.48 12.27
N LEU A 440 3.56 43.39 13.35
CA LEU A 440 2.92 42.16 13.81
C LEU A 440 1.40 42.35 13.78
N LEU A 441 0.71 41.55 12.97
CA LEU A 441 -0.74 41.58 12.85
C LEU A 441 -1.36 40.38 13.54
N ALA A 442 -2.16 40.63 14.57
CA ALA A 442 -2.89 39.58 15.28
C ALA A 442 -4.24 39.32 14.62
N VAL A 443 -4.54 38.06 14.34
CA VAL A 443 -5.80 37.63 13.74
C VAL A 443 -6.59 36.84 14.79
N VAL A 444 -7.78 37.32 15.13
CA VAL A 444 -8.52 36.91 16.32
C VAL A 444 -9.96 36.58 15.94
N GLY A 445 -10.55 35.59 16.63
CA GLY A 445 -11.96 35.30 16.49
C GLY A 445 -12.37 33.85 16.69
N PRO A 446 -13.69 33.59 16.65
CA PRO A 446 -14.23 32.28 17.05
C PRO A 446 -13.70 31.10 16.24
N VAL A 447 -13.98 29.91 16.78
CA VAL A 447 -13.82 28.64 16.06
C VAL A 447 -14.56 28.70 14.73
N GLY A 448 -13.87 28.31 13.65
CA GLY A 448 -14.46 28.32 12.34
C GLY A 448 -14.64 29.68 11.71
N ALA A 449 -14.04 30.73 12.26
CA ALA A 449 -14.26 32.07 11.73
C ALA A 449 -13.56 32.33 10.40
N GLY A 450 -12.51 31.59 10.06
CA GLY A 450 -11.76 31.87 8.85
C GLY A 450 -10.30 32.22 9.06
N LYS A 451 -9.78 32.02 10.27
CA LYS A 451 -8.44 32.53 10.60
C LYS A 451 -7.35 31.76 9.88
N SER A 452 -7.38 30.43 9.93
CA SER A 452 -6.47 29.65 9.11
C SER A 452 -6.73 29.82 7.62
N SER A 453 -7.98 30.07 7.24
CA SER A 453 -8.30 30.41 5.86
C SER A 453 -7.60 31.70 5.41
N LEU A 454 -7.52 32.70 6.28
CA LEU A 454 -6.77 33.91 5.94
C LEU A 454 -5.30 33.62 5.67
N LEU A 455 -4.64 32.86 6.53
CA LEU A 455 -3.26 32.49 6.24
C LEU A 455 -3.14 31.72 4.93
N SER A 456 -4.10 30.83 4.65
CA SER A 456 -4.07 30.09 3.40
C SER A 456 -4.29 30.99 2.18
N ALA A 457 -5.02 32.09 2.35
CA ALA A 457 -5.12 33.08 1.28
C ALA A 457 -3.77 33.76 1.02
N VAL A 458 -3.09 34.22 2.06
CA VAL A 458 -1.75 34.79 1.92
C VAL A 458 -0.78 33.76 1.36
N LEU A 459 -0.91 32.51 1.79
CA LEU A 459 -0.04 31.44 1.36
C LEU A 459 -0.31 31.01 -0.07
N GLY A 460 -1.43 31.42 -0.65
CA GLY A 460 -1.79 31.08 -2.02
C GLY A 460 -2.53 29.78 -2.20
N GLU A 461 -2.93 29.13 -1.11
CA GLU A 461 -3.61 27.85 -1.15
C GLU A 461 -5.12 27.99 -1.30
N LEU A 462 -5.66 29.19 -1.07
CA LEU A 462 -7.06 29.54 -1.35
C LEU A 462 -7.12 30.73 -2.30
N PRO A 463 -7.37 30.51 -3.59
CA PRO A 463 -7.30 31.61 -4.56
C PRO A 463 -8.54 32.50 -4.54
N PRO A 464 -8.37 33.78 -4.88
CA PRO A 464 -9.51 34.71 -4.86
C PRO A 464 -10.53 34.43 -5.94
N ASN A 465 -11.81 34.48 -5.57
CA ASN A 465 -12.87 34.60 -6.57
C ASN A 465 -13.07 36.05 -6.98
N GLN A 466 -12.78 37.00 -6.09
CA GLN A 466 -12.65 38.39 -6.45
C GLN A 466 -11.67 39.05 -5.48
N GLY A 467 -11.20 40.25 -5.85
CA GLY A 467 -10.11 40.90 -5.15
C GLY A 467 -8.75 40.34 -5.52
N GLN A 468 -7.73 40.80 -4.81
CA GLN A 468 -6.36 40.43 -5.15
C GLN A 468 -5.48 40.31 -3.90
N VAL A 469 -4.40 39.53 -4.04
CA VAL A 469 -3.38 39.32 -3.02
C VAL A 469 -2.02 39.55 -3.65
N SER A 470 -1.14 40.27 -2.96
CA SER A 470 0.26 40.39 -3.38
C SER A 470 1.19 40.26 -2.18
N VAL A 471 2.27 39.50 -2.34
CA VAL A 471 3.26 39.24 -1.30
C VAL A 471 4.66 39.34 -1.90
N HIS A 472 5.60 39.88 -1.14
CA HIS A 472 7.01 39.89 -1.54
C HIS A 472 7.88 39.48 -0.35
N GLY A 473 8.76 38.50 -0.58
CA GLY A 473 9.58 37.86 0.43
C GLY A 473 9.24 36.38 0.59
N ARG A 474 10.18 35.66 1.22
CA ARG A 474 9.99 34.24 1.54
C ARG A 474 9.03 34.04 2.71
N ILE A 475 8.09 33.10 2.57
CA ILE A 475 7.16 32.72 3.63
C ILE A 475 7.81 31.69 4.55
N ALA A 476 7.52 31.79 5.85
CA ALA A 476 7.65 30.68 6.78
C ALA A 476 6.29 30.40 7.40
N TYR A 477 5.76 29.19 7.17
CA TYR A 477 4.42 28.80 7.62
C TYR A 477 4.51 27.82 8.79
N VAL A 478 3.87 28.18 9.91
CA VAL A 478 3.79 27.34 11.11
C VAL A 478 2.36 26.84 11.25
N SER A 479 2.10 25.64 10.74
CA SER A 479 0.76 25.08 10.62
C SER A 479 0.09 24.82 11.97
N GLN A 480 -1.25 24.82 11.97
CA GLN A 480 -2.01 24.68 13.21
C GLN A 480 -1.88 23.29 13.82
N GLN A 481 -2.04 22.24 13.02
CA GLN A 481 -1.53 20.93 13.41
C GLN A 481 -0.02 20.88 13.16
N PRO A 482 0.80 20.55 14.16
CA PRO A 482 2.25 20.46 13.91
C PRO A 482 2.60 19.38 12.90
N TRP A 483 3.51 19.71 11.99
CA TRP A 483 4.10 18.75 11.08
C TRP A 483 5.47 18.36 11.61
N VAL A 484 5.63 17.08 11.90
CA VAL A 484 6.88 16.50 12.38
C VAL A 484 7.06 15.17 11.65
N PHE A 485 8.27 14.88 11.21
CA PHE A 485 8.54 13.74 10.36
C PHE A 485 9.74 12.97 10.90
N SER A 486 9.93 11.76 10.37
CA SER A 486 10.94 10.84 10.89
C SER A 486 12.36 11.28 10.59
N GLY A 487 13.22 11.15 11.59
CA GLY A 487 14.58 11.63 11.58
C GLY A 487 15.03 11.88 13.01
N THR A 488 16.13 12.61 13.17
CA THR A 488 16.41 13.21 14.47
C THR A 488 15.66 14.53 14.60
N VAL A 489 15.44 14.97 15.84
CA VAL A 489 14.87 16.29 16.05
C VAL A 489 15.77 17.40 15.49
N ARG A 490 17.08 17.22 15.48
CA ARG A 490 17.95 18.15 14.75
C ARG A 490 17.59 18.21 13.27
N SER A 491 17.41 17.06 12.63
CA SER A 491 17.03 17.02 11.24
C SER A 491 15.72 17.76 10.99
N ASN A 492 14.74 17.60 11.87
CA ASN A 492 13.46 18.29 11.72
C ASN A 492 13.59 19.81 11.83
N ILE A 493 14.56 20.29 12.58
CA ILE A 493 14.78 21.74 12.68
C ILE A 493 15.57 22.27 11.48
N LEU A 494 16.61 21.57 11.04
CA LEU A 494 17.44 22.09 9.95
C LEU A 494 16.65 22.16 8.64
N PHE A 495 15.93 21.10 8.30
CA PHE A 495 15.10 21.06 7.10
C PHE A 495 15.90 21.47 5.85
N GLY A 496 17.11 20.93 5.74
CA GLY A 496 17.97 21.14 4.59
C GLY A 496 18.96 22.27 4.65
N LYS A 497 18.79 23.26 5.52
CA LYS A 497 19.84 24.25 5.73
C LYS A 497 21.07 23.62 6.38
N LYS A 498 22.23 24.25 6.15
CA LYS A 498 23.48 23.80 6.75
C LYS A 498 23.45 23.97 8.26
N TYR A 499 24.08 23.04 8.98
CA TYR A 499 24.26 23.18 10.42
C TYR A 499 25.30 24.25 10.73
N GLU A 500 24.95 25.18 11.62
CA GLU A 500 25.87 26.22 12.09
C GLU A 500 25.62 26.48 13.56
N LYS A 501 26.61 26.13 14.39
CA LYS A 501 26.41 25.99 15.83
C LYS A 501 25.80 27.23 16.49
N GLU A 502 26.33 28.42 16.21
CA GLU A 502 25.88 29.60 16.93
C GLU A 502 24.41 29.93 16.66
N ARG A 503 24.00 29.98 15.39
CA ARG A 503 22.60 30.22 15.06
C ARG A 503 21.70 29.06 15.47
N TYR A 504 22.20 27.83 15.42
CA TYR A 504 21.40 26.69 15.88
C TYR A 504 21.13 26.74 17.37
N GLU A 505 22.16 26.94 18.20
CA GLU A 505 21.94 27.03 19.64
C GLU A 505 21.08 28.22 20.03
N LYS A 506 21.21 29.35 19.33
CA LYS A 506 20.30 30.47 19.56
C LYS A 506 18.84 30.11 19.30
N VAL A 507 18.57 29.38 18.22
CA VAL A 507 17.21 28.88 17.99
C VAL A 507 16.75 27.95 19.11
N ILE A 508 17.59 27.01 19.52
CA ILE A 508 17.20 26.06 20.56
C ILE A 508 16.82 26.76 21.87
N LYS A 509 17.56 27.78 22.30
CA LYS A 509 17.12 28.53 23.48
C LYS A 509 15.92 29.44 23.18
N ALA A 510 15.90 30.07 22.01
CA ALA A 510 14.80 30.99 21.72
C ALA A 510 13.46 30.25 21.63
N CYS A 511 13.45 29.03 21.11
CA CYS A 511 12.24 28.22 21.05
C CYS A 511 11.99 27.40 22.32
N ALA A 512 12.57 27.83 23.44
CA ALA A 512 12.28 27.23 24.76
C ALA A 512 12.55 25.73 24.82
N LEU A 513 13.54 25.25 24.06
CA LEU A 513 13.70 23.83 23.80
C LEU A 513 14.96 23.24 24.44
N LYS A 514 15.83 24.09 25.00
CA LYS A 514 17.10 23.65 25.57
C LYS A 514 16.94 22.68 26.74
N LYS A 515 15.94 22.91 27.61
CA LYS A 515 15.73 22.04 28.76
C LYS A 515 15.38 20.62 28.37
N ASP A 516 14.37 20.44 27.51
CA ASP A 516 13.94 19.09 27.13
C ASP A 516 15.08 18.27 26.55
N LEU A 517 15.89 18.88 25.69
CA LEU A 517 17.00 18.18 25.05
C LEU A 517 18.09 17.74 26.03
N GLN A 518 18.15 18.32 27.22
CA GLN A 518 19.09 17.85 28.25
C GLN A 518 18.51 16.73 29.11
N LEU A 519 17.20 16.56 29.15
CA LEU A 519 16.61 15.37 29.78
C LEU A 519 16.73 14.13 28.91
N LEU A 520 16.67 14.28 27.59
CA LEU A 520 16.83 13.15 26.68
C LEU A 520 18.27 12.61 26.71
N GLU A 521 18.38 11.29 26.56
CA GLU A 521 19.67 10.61 26.66
C GLU A 521 20.58 10.87 25.46
N ASP A 522 20.02 10.84 24.24
CA ASP A 522 20.78 11.02 23.01
C ASP A 522 20.69 12.45 22.46
N GLY A 523 20.28 13.40 23.28
CA GLY A 523 20.18 14.81 22.92
C GLY A 523 19.26 15.07 21.74
N ASP A 524 19.62 16.10 20.95
CA ASP A 524 18.90 16.42 19.72
C ASP A 524 19.16 15.45 18.59
N LEU A 525 20.01 14.43 18.77
CA LEU A 525 20.14 13.33 17.83
C LEU A 525 19.23 12.15 18.16
N THR A 526 18.33 12.28 19.15
CA THR A 526 17.28 11.30 19.37
C THR A 526 16.40 11.09 18.13
N MET A 527 16.08 9.84 17.85
CA MET A 527 15.23 9.47 16.72
C MET A 527 13.75 9.75 17.00
N ILE A 528 13.07 10.27 15.98
CA ILE A 528 11.65 10.66 16.05
C ILE A 528 10.86 9.88 15.01
N GLY A 529 9.62 9.48 15.36
CA GLY A 529 8.79 8.67 14.50
C GLY A 529 8.11 9.43 13.35
N ASP A 530 7.42 8.65 12.50
CA ASP A 530 6.90 9.16 11.23
C ASP A 530 5.96 10.34 11.39
N ARG A 531 5.30 10.47 12.54
CA ARG A 531 4.42 11.62 12.79
C ARG A 531 4.74 12.29 14.12
N GLY A 532 5.92 12.02 14.68
CA GLY A 532 6.28 12.53 15.98
C GLY A 532 5.55 11.90 17.14
N THR A 533 5.02 10.70 16.96
CA THR A 533 4.25 10.03 18.00
C THR A 533 5.06 9.76 19.27
N THR A 534 6.39 9.84 19.18
CA THR A 534 7.28 9.72 20.33
C THR A 534 7.44 11.02 21.13
N LEU A 535 6.81 12.12 20.73
CA LEU A 535 6.94 13.40 21.41
C LEU A 535 5.59 13.87 21.95
N SER A 536 5.64 14.59 23.06
CA SER A 536 4.46 15.26 23.60
C SER A 536 4.02 16.40 22.68
N GLY A 537 2.79 16.85 22.89
CA GLY A 537 2.20 17.84 22.00
C GLY A 537 2.97 19.15 21.94
N GLY A 538 3.32 19.69 23.09
CA GLY A 538 4.09 20.93 23.12
C GLY A 538 5.54 20.79 22.68
N GLN A 539 6.07 19.58 22.58
CA GLN A 539 7.38 19.38 21.97
C GLN A 539 7.30 19.45 20.44
N LYS A 540 6.37 18.71 19.83
CA LYS A 540 6.18 18.80 18.39
C LYS A 540 5.73 20.19 17.94
N ALA A 541 5.03 20.96 18.78
CA ALA A 541 4.81 22.38 18.48
C ALA A 541 6.10 23.19 18.46
N ARG A 542 6.93 23.08 19.50
CA ARG A 542 8.19 23.83 19.55
C ARG A 542 9.15 23.44 18.42
N VAL A 543 9.22 22.16 18.06
CA VAL A 543 10.05 21.77 16.91
C VAL A 543 9.52 22.40 15.63
N ASN A 544 8.21 22.42 15.47
CA ASN A 544 7.58 23.03 14.29
C ASN A 544 7.85 24.52 14.19
N LEU A 545 7.90 25.22 15.32
CA LEU A 545 8.29 26.63 15.34
C LEU A 545 9.78 26.84 15.17
N ALA A 546 10.60 26.05 15.86
CA ALA A 546 12.06 26.17 15.74
C ALA A 546 12.53 25.98 14.30
N ARG A 547 11.93 25.04 13.56
CA ARG A 547 12.24 24.90 12.14
C ARG A 547 12.06 26.22 11.38
N ALA A 548 10.92 26.87 11.59
CA ALA A 548 10.63 28.12 10.88
C ALA A 548 11.64 29.22 11.20
N VAL A 549 12.05 29.36 12.46
CA VAL A 549 13.04 30.38 12.81
C VAL A 549 14.37 30.13 12.12
N TYR A 550 14.81 28.86 12.08
CA TYR A 550 16.11 28.57 11.50
C TYR A 550 16.21 28.94 10.01
N GLN A 551 15.10 28.90 9.26
CA GLN A 551 15.17 29.25 7.84
C GLN A 551 15.40 30.73 7.59
N ASP A 552 15.25 31.59 8.60
CA ASP A 552 15.45 33.03 8.47
C ASP A 552 14.70 33.63 7.26
N ALA A 553 13.40 33.40 7.20
CA ALA A 553 12.54 33.88 6.12
C ALA A 553 12.17 35.35 6.35
N ASP A 554 11.30 35.89 5.50
CA ASP A 554 10.88 37.29 5.55
C ASP A 554 9.48 37.50 6.11
N ILE A 555 8.55 36.62 5.78
CA ILE A 555 7.15 36.72 6.20
C ILE A 555 6.83 35.48 7.01
N TYR A 556 6.44 35.67 8.28
CA TYR A 556 6.09 34.57 9.15
C TYR A 556 4.58 34.50 9.33
N LEU A 557 4.00 33.36 8.99
CA LEU A 557 2.57 33.09 9.13
C LEU A 557 2.42 32.07 10.26
N LEU A 558 1.95 32.52 11.42
CA LEU A 558 1.96 31.73 12.65
C LEU A 558 0.53 31.35 13.02
N ASP A 559 0.19 30.08 12.85
CA ASP A 559 -1.17 29.60 13.11
C ASP A 559 -1.28 28.95 14.49
N ASP A 560 -1.59 29.77 15.49
CA ASP A 560 -1.78 29.33 16.86
C ASP A 560 -0.65 28.45 17.42
N PRO A 561 0.60 28.94 17.37
CA PRO A 561 1.73 28.11 17.81
C PRO A 561 1.83 27.88 19.31
N LEU A 562 1.13 28.67 20.14
CA LEU A 562 1.31 28.68 21.58
C LEU A 562 0.33 27.82 22.38
N SER A 563 -0.75 27.34 21.77
CA SER A 563 -1.82 26.69 22.55
C SER A 563 -1.46 25.32 23.10
N ALA A 564 -0.40 24.68 22.62
CA ALA A 564 0.03 23.39 23.15
C ALA A 564 1.05 23.47 24.28
N VAL A 565 1.41 24.65 24.79
CA VAL A 565 2.48 24.79 25.78
C VAL A 565 1.99 25.54 27.02
N ASP A 566 2.64 25.22 28.15
CA ASP A 566 2.41 25.85 29.44
C ASP A 566 2.63 27.37 29.40
N ALA A 567 1.97 28.05 30.35
CA ALA A 567 1.96 29.52 30.37
C ALA A 567 3.35 30.13 30.40
N GLU A 568 4.27 29.58 31.19
CA GLU A 568 5.65 30.09 31.21
C GLU A 568 6.33 29.89 29.86
N VAL A 569 6.28 28.67 29.33
CA VAL A 569 6.85 28.39 28.01
C VAL A 569 6.16 29.21 26.94
N SER A 570 4.85 29.44 27.09
CA SER A 570 4.13 30.30 26.15
C SER A 570 4.71 31.71 26.06
N ARG A 571 4.89 32.38 27.19
CA ARG A 571 5.43 33.74 27.13
C ARG A 571 6.92 33.77 26.83
N HIS A 572 7.63 32.71 27.19
CA HIS A 572 9.01 32.55 26.73
C HIS A 572 9.11 32.53 25.21
N LEU A 573 8.30 31.69 24.54
CA LEU A 573 8.21 31.72 23.08
C LEU A 573 7.77 33.08 22.54
N PHE A 574 6.69 33.66 23.07
CA PHE A 574 6.23 34.93 22.50
C PHE A 574 7.28 36.02 22.63
N GLU A 575 7.82 36.24 23.83
CA GLU A 575 8.77 37.31 24.03
C GLU A 575 10.10 37.05 23.32
N LEU A 576 10.70 35.88 23.52
CA LEU A 576 12.02 35.63 22.94
C LEU A 576 11.97 35.23 21.48
N CYS A 577 11.01 34.40 21.06
CA CYS A 577 10.92 34.02 19.65
C CYS A 577 10.13 35.02 18.80
N ILE A 578 8.83 35.15 19.06
CA ILE A 578 7.96 35.84 18.11
C ILE A 578 8.22 37.35 18.11
N CYS A 579 8.54 37.93 19.26
CA CYS A 579 8.93 39.34 19.28
C CYS A 579 10.43 39.54 19.05
N GLN A 580 11.28 39.03 19.94
CA GLN A 580 12.68 39.44 19.93
C GLN A 580 13.47 38.81 18.79
N ALA A 581 13.34 37.51 18.55
CA ALA A 581 14.13 36.89 17.48
C ALA A 581 13.64 37.27 16.08
N LEU A 582 12.33 37.40 15.88
CA LEU A 582 11.74 37.74 14.59
C LEU A 582 11.45 39.23 14.45
N HIS A 583 12.11 40.08 15.24
CA HIS A 583 11.66 41.45 15.44
C HIS A 583 11.62 42.27 14.15
N GLU A 584 12.50 42.01 13.19
CA GLU A 584 12.58 42.81 11.98
C GLU A 584 11.62 42.39 10.87
N LYS A 585 10.75 41.41 11.11
CA LYS A 585 10.07 40.67 10.05
C LYS A 585 8.56 40.85 10.10
N ILE A 586 7.92 40.69 8.94
CA ILE A 586 6.46 40.64 8.89
C ILE A 586 5.98 39.42 9.65
N ARG A 587 5.04 39.60 10.58
CA ARG A 587 4.38 38.48 11.23
C ARG A 587 2.87 38.65 11.20
N ILE A 588 2.16 37.58 10.84
CA ILE A 588 0.72 37.46 11.04
C ILE A 588 0.51 36.33 12.04
N LEU A 589 -0.14 36.63 13.16
CA LEU A 589 -0.27 35.70 14.29
C LEU A 589 -1.75 35.42 14.56
N VAL A 590 -2.22 34.24 14.15
CA VAL A 590 -3.53 33.74 14.56
C VAL A 590 -3.44 33.27 16.01
N THR A 591 -4.23 33.88 16.89
CA THR A 591 -4.07 33.57 18.31
C THR A 591 -5.36 33.77 19.08
N HIS A 592 -5.49 33.00 20.16
CA HIS A 592 -6.49 33.20 21.21
C HIS A 592 -5.88 33.68 22.52
N GLN A 593 -4.58 33.93 22.56
CA GLN A 593 -3.89 34.39 23.76
C GLN A 593 -3.98 35.91 23.87
N LEU A 594 -5.18 36.36 24.23
CA LEU A 594 -5.48 37.80 24.34
C LEU A 594 -4.47 38.56 25.21
N GLN A 595 -3.82 37.88 26.15
CA GLN A 595 -2.75 38.47 26.96
C GLN A 595 -1.65 39.14 26.14
N TYR A 596 -1.39 38.69 24.91
CA TYR A 596 -0.30 39.24 24.10
C TYR A 596 -0.70 40.33 23.11
N LEU A 597 -2.00 40.54 22.88
CA LEU A 597 -2.43 41.40 21.77
C LEU A 597 -1.93 42.85 21.89
N LYS A 598 -1.66 43.32 23.11
CA LYS A 598 -1.11 44.66 23.28
C LYS A 598 0.24 44.85 22.60
N ALA A 599 0.96 43.77 22.30
CA ALA A 599 2.22 43.87 21.59
C ALA A 599 2.05 43.92 20.06
N ALA A 600 0.87 43.62 19.53
CA ALA A 600 0.65 43.67 18.10
C ALA A 600 0.59 45.09 17.56
N SER A 601 1.09 45.28 16.34
CA SER A 601 0.99 46.56 15.65
C SER A 601 -0.44 46.85 15.19
N GLN A 602 -1.20 45.81 14.85
CA GLN A 602 -2.57 45.93 14.39
C GLN A 602 -3.30 44.63 14.70
N ILE A 603 -4.63 44.72 14.85
CA ILE A 603 -5.47 43.58 15.19
C ILE A 603 -6.64 43.49 14.21
N LEU A 604 -6.91 42.28 13.74
CA LEU A 604 -8.02 41.98 12.84
C LEU A 604 -8.94 40.93 13.46
N ILE A 605 -10.22 41.28 13.64
CA ILE A 605 -11.22 40.38 14.21
C ILE A 605 -12.10 39.82 13.09
N LEU A 606 -12.15 38.49 12.97
CA LEU A 606 -13.03 37.80 12.03
C LEU A 606 -14.22 37.17 12.73
N LYS A 607 -15.40 37.32 12.11
CA LYS A 607 -16.59 36.56 12.50
C LYS A 607 -17.33 36.08 11.27
N ASP A 608 -17.79 34.83 11.31
CA ASP A 608 -18.65 34.25 10.28
C ASP A 608 -18.07 34.47 8.88
N GLY A 609 -16.76 34.33 8.74
CA GLY A 609 -16.10 34.50 7.47
C GLY A 609 -15.85 35.91 6.99
N GLN A 610 -16.05 36.93 7.82
CA GLN A 610 -15.82 38.29 7.36
C GLN A 610 -15.27 39.19 8.46
N MET A 611 -14.67 40.29 8.03
CA MET A 611 -13.99 41.25 8.89
C MET A 611 -14.97 42.08 9.72
N VAL A 612 -14.86 41.97 11.05
CA VAL A 612 -15.74 42.70 11.97
C VAL A 612 -15.19 44.07 12.30
N GLN A 613 -13.93 44.12 12.76
CA GLN A 613 -13.25 45.37 13.06
C GLN A 613 -11.77 45.20 12.78
N LYS A 614 -11.12 46.33 12.51
CA LYS A 614 -9.68 46.39 12.27
C LYS A 614 -9.11 47.55 13.07
N GLY A 615 -8.01 47.30 13.79
CA GLY A 615 -7.32 48.34 14.53
C GLY A 615 -5.83 48.08 14.57
N VAL A 696 14.53 -18.16 0.93
CA VAL A 696 13.24 -18.56 1.49
C VAL A 696 13.34 -19.99 2.05
N GLY A 697 12.86 -20.17 3.28
CA GLY A 697 12.84 -21.49 3.88
C GLY A 697 11.62 -22.30 3.48
N PHE A 698 11.77 -23.62 3.53
CA PHE A 698 10.67 -24.52 3.17
C PHE A 698 9.44 -24.30 4.05
N LYS A 699 9.65 -23.87 5.29
CA LYS A 699 8.50 -23.58 6.17
C LYS A 699 7.54 -22.58 5.53
N ALA A 700 8.06 -21.61 4.78
CA ALA A 700 7.18 -20.68 4.08
C ALA A 700 6.36 -21.37 3.00
N TYR A 701 6.96 -22.27 2.23
CA TYR A 701 6.20 -23.02 1.22
C TYR A 701 5.16 -23.93 1.85
N LYS A 702 5.56 -24.67 2.89
CA LYS A 702 4.62 -25.51 3.63
C LYS A 702 3.43 -24.71 4.15
N ASN A 703 3.70 -23.57 4.79
CA ASN A 703 2.61 -22.72 5.27
C ASN A 703 1.72 -22.19 4.16
N TYR A 704 2.30 -21.74 3.04
CA TYR A 704 1.48 -21.13 1.99
C TYR A 704 0.47 -22.10 1.38
N PHE A 705 0.85 -23.35 1.13
CA PHE A 705 -0.13 -24.31 0.64
C PHE A 705 -1.09 -24.81 1.73
N THR A 706 -0.58 -25.18 2.90
CA THR A 706 -1.44 -25.70 3.96
C THR A 706 -2.40 -24.66 4.52
N ALA A 707 -2.10 -23.37 4.37
CA ALA A 707 -3.06 -22.34 4.76
C ALA A 707 -4.28 -22.31 3.86
N GLY A 708 -4.21 -22.87 2.66
CA GLY A 708 -5.31 -22.84 1.71
C GLY A 708 -6.38 -23.89 1.94
N ALA A 709 -6.00 -25.14 2.18
CA ALA A 709 -6.97 -26.23 2.24
C ALA A 709 -6.47 -27.37 3.11
N HIS A 710 -7.41 -28.22 3.54
CA HIS A 710 -7.11 -29.43 4.28
C HIS A 710 -6.23 -30.39 3.47
N TRP A 711 -5.41 -31.18 4.18
CA TRP A 711 -4.45 -32.06 3.52
C TRP A 711 -5.08 -33.09 2.58
N PHE A 712 -6.34 -33.46 2.79
CA PHE A 712 -7.01 -34.32 1.82
C PHE A 712 -7.12 -33.65 0.46
N ILE A 713 -7.49 -32.37 0.43
CA ILE A 713 -7.56 -31.65 -0.83
C ILE A 713 -6.16 -31.48 -1.45
N ILE A 714 -5.14 -31.28 -0.63
CA ILE A 714 -3.79 -31.19 -1.15
C ILE A 714 -3.34 -32.51 -1.76
N ILE A 715 -3.65 -33.65 -1.11
CA ILE A 715 -3.35 -34.95 -1.71
C ILE A 715 -4.14 -35.17 -3.00
N PHE A 716 -5.42 -34.82 -2.99
CA PHE A 716 -6.22 -34.91 -4.23
C PHE A 716 -5.66 -34.01 -5.32
N LEU A 717 -5.24 -32.81 -4.97
CA LEU A 717 -4.61 -31.91 -5.93
C LEU A 717 -3.33 -32.48 -6.51
N ILE A 718 -2.53 -33.19 -5.71
CA ILE A 718 -1.36 -33.88 -6.25
C ILE A 718 -1.78 -35.01 -7.20
N LEU A 719 -2.80 -35.78 -6.83
CA LEU A 719 -3.27 -36.88 -7.69
C LEU A 719 -3.79 -36.40 -9.06
N VAL A 720 -4.60 -35.35 -9.11
CA VAL A 720 -5.07 -34.87 -10.42
C VAL A 720 -3.94 -34.26 -11.23
N ASN A 721 -2.93 -33.67 -10.60
CA ASN A 721 -1.77 -33.21 -11.33
C ASN A 721 -1.05 -34.35 -12.04
N LEU A 722 -0.78 -35.44 -11.33
CA LEU A 722 -0.17 -36.60 -11.95
C LEU A 722 -1.08 -37.24 -13.00
N ALA A 723 -2.37 -37.39 -12.68
CA ALA A 723 -3.31 -37.98 -13.63
C ALA A 723 -3.44 -37.17 -14.92
N ALA A 724 -3.42 -35.85 -14.83
CA ALA A 724 -3.39 -35.03 -16.04
C ALA A 724 -2.18 -35.33 -16.91
N GLN A 725 -0.99 -35.34 -16.33
CA GLN A 725 0.22 -35.53 -17.12
C GLN A 725 0.38 -36.96 -17.64
N VAL A 726 -0.09 -37.97 -16.90
CA VAL A 726 -0.03 -39.35 -17.40
C VAL A 726 -0.98 -39.57 -18.57
N SER A 727 -2.22 -39.08 -18.48
CA SER A 727 -3.14 -39.17 -19.62
C SER A 727 -2.64 -38.35 -20.82
N TYR A 728 -1.99 -37.23 -20.57
CA TYR A 728 -1.36 -36.47 -21.65
C TYR A 728 -0.34 -37.30 -22.42
N ILE A 729 0.57 -37.96 -21.72
CA ILE A 729 1.58 -38.79 -22.37
C ILE A 729 0.96 -39.98 -23.09
N LEU A 730 0.03 -40.67 -22.43
CA LEU A 730 -0.60 -41.84 -23.04
C LEU A 730 -1.36 -41.52 -24.32
N GLN A 731 -1.95 -40.34 -24.44
CA GLN A 731 -2.59 -39.99 -25.71
C GLN A 731 -1.60 -39.98 -26.87
N ASP A 732 -0.42 -39.42 -26.66
CA ASP A 732 0.59 -39.40 -27.71
C ASP A 732 1.20 -40.77 -27.94
N TRP A 733 1.40 -41.54 -26.88
CA TRP A 733 1.80 -42.93 -27.03
C TRP A 733 0.79 -43.75 -27.83
N TRP A 734 -0.50 -43.45 -27.67
CA TRP A 734 -1.52 -44.14 -28.46
C TRP A 734 -1.39 -43.90 -29.96
N LEU A 735 -1.12 -42.66 -30.38
CA LEU A 735 -0.77 -42.45 -31.79
C LEU A 735 0.49 -43.21 -32.20
N SER A 736 1.50 -43.26 -31.34
CA SER A 736 2.68 -44.05 -31.65
C SER A 736 2.35 -45.52 -31.80
N TYR A 737 1.46 -46.03 -30.95
CA TYR A 737 1.04 -47.43 -31.02
C TYR A 737 0.17 -47.70 -32.24
N TRP A 738 -0.79 -46.80 -32.50
CA TRP A 738 -1.61 -46.88 -33.70
C TRP A 738 -0.78 -46.87 -34.97
N ALA A 739 0.24 -46.02 -35.03
CA ALA A 739 1.17 -46.01 -36.16
C ALA A 739 1.89 -47.35 -36.33
N ASN A 740 2.38 -47.93 -35.24
CA ASN A 740 3.10 -49.21 -35.34
C ASN A 740 2.19 -50.35 -35.77
N GLN A 741 0.95 -50.38 -35.27
CA GLN A 741 0.01 -51.40 -35.73
C GLN A 741 -0.28 -51.28 -37.22
N GLN A 742 -0.56 -50.06 -37.69
CA GLN A 742 -0.76 -49.85 -39.11
C GLN A 742 0.47 -50.24 -39.93
N SER A 743 1.67 -49.97 -39.40
CA SER A 743 2.88 -50.40 -40.09
C SER A 743 3.05 -51.92 -40.12
N ALA A 744 2.51 -52.62 -39.14
CA ALA A 744 2.59 -54.09 -39.10
C ALA A 744 1.63 -54.78 -40.04
N LEU A 745 0.56 -54.12 -40.47
CA LEU A 745 -0.41 -54.72 -41.38
C LEU A 745 0.14 -54.94 -42.78
N ASN A 746 -0.59 -55.77 -43.52
CA ASN A 746 -0.32 -56.14 -44.92
C ASN A 746 -0.39 -54.97 -45.89
N THR A 756 -8.87 -57.19 -47.81
CA THR A 756 -7.61 -56.61 -47.37
C THR A 756 -7.69 -56.26 -45.87
N GLU A 757 -6.58 -56.47 -45.15
CA GLU A 757 -6.53 -56.19 -43.73
C GLU A 757 -6.68 -54.70 -43.42
N LYS A 758 -7.40 -54.40 -42.34
CA LYS A 758 -7.54 -53.05 -41.82
C LYS A 758 -7.73 -53.09 -40.30
N LEU A 759 -7.32 -52.02 -39.63
CA LEU A 759 -7.54 -51.88 -38.19
C LEU A 759 -8.99 -51.52 -37.90
N ASP A 760 -9.53 -52.07 -36.81
CA ASP A 760 -10.87 -51.72 -36.35
C ASP A 760 -10.86 -50.31 -35.75
N LEU A 761 -11.37 -49.35 -36.52
CA LEU A 761 -11.35 -47.96 -36.11
C LEU A 761 -12.11 -47.71 -34.81
N ASN A 762 -13.11 -48.54 -34.50
CA ASN A 762 -13.85 -48.36 -33.24
C ASN A 762 -12.94 -48.52 -32.03
N TRP A 763 -11.94 -49.37 -32.11
CA TRP A 763 -11.03 -49.55 -30.97
C TRP A 763 -10.01 -48.43 -30.88
N TYR A 764 -9.30 -48.13 -31.98
CA TYR A 764 -8.24 -47.14 -31.93
C TYR A 764 -8.77 -45.72 -31.76
N LEU A 765 -9.78 -45.34 -32.56
CA LEU A 765 -10.33 -44.00 -32.41
C LEU A 765 -11.17 -43.87 -31.14
N GLY A 766 -11.78 -44.96 -30.68
CA GLY A 766 -12.46 -44.97 -29.41
C GLY A 766 -11.55 -44.68 -28.23
N ILE A 767 -10.47 -45.45 -28.09
CA ILE A 767 -9.52 -45.24 -27.01
C ILE A 767 -8.84 -43.88 -27.13
N TYR A 768 -8.54 -43.46 -28.36
CA TYR A 768 -7.97 -42.12 -28.57
C TYR A 768 -8.91 -41.03 -28.08
N SER A 769 -10.21 -41.20 -28.29
CA SER A 769 -11.20 -40.27 -27.76
C SER A 769 -11.21 -40.27 -26.23
N GLY A 770 -11.23 -41.46 -25.63
CA GLY A 770 -11.21 -41.54 -24.18
C GLY A 770 -10.00 -40.88 -23.53
N LEU A 771 -8.80 -41.17 -24.03
CA LEU A 771 -7.61 -40.53 -23.49
C LEU A 771 -7.65 -39.01 -23.66
N THR A 772 -8.21 -38.52 -24.78
CA THR A 772 -8.35 -37.08 -24.96
C THR A 772 -9.32 -36.48 -23.96
N ALA A 773 -10.51 -37.07 -23.82
CA ALA A 773 -11.48 -36.60 -22.84
C ALA A 773 -10.91 -36.64 -21.42
N SER A 774 -10.19 -37.70 -21.08
CA SER A 774 -9.51 -37.78 -19.78
C SER A 774 -8.51 -36.65 -19.60
N THR A 775 -7.67 -36.39 -20.60
CA THR A 775 -6.73 -35.27 -20.53
C THR A 775 -7.44 -33.94 -20.36
N VAL A 776 -8.51 -33.72 -21.11
CA VAL A 776 -9.29 -32.48 -20.98
C VAL A 776 -9.90 -32.37 -19.59
N LEU A 777 -10.54 -33.43 -19.10
CA LEU A 777 -11.20 -33.38 -17.80
C LEU A 777 -10.23 -33.02 -16.68
N PHE A 778 -9.12 -33.75 -16.55
CA PHE A 778 -8.17 -33.42 -15.49
C PHE A 778 -7.51 -32.06 -15.71
N GLY A 779 -7.26 -31.68 -16.95
CA GLY A 779 -6.70 -30.36 -17.21
C GLY A 779 -7.54 -29.21 -16.69
N ILE A 780 -8.86 -29.32 -16.82
CA ILE A 780 -9.76 -28.31 -16.28
C ILE A 780 -9.77 -28.33 -14.75
N VAL A 781 -9.99 -29.51 -14.17
CA VAL A 781 -10.05 -29.63 -12.71
C VAL A 781 -8.74 -29.16 -12.07
N ARG A 782 -7.62 -29.64 -12.56
CA ARG A 782 -6.31 -29.22 -12.04
C ARG A 782 -6.11 -27.71 -12.10
N SER A 783 -6.52 -27.07 -13.19
CA SER A 783 -6.27 -25.63 -13.36
C SER A 783 -7.11 -24.78 -12.42
N LEU A 784 -8.39 -25.13 -12.25
CA LEU A 784 -9.26 -24.37 -11.36
C LEU A 784 -8.94 -24.62 -9.89
N LEU A 785 -8.61 -25.85 -9.52
CA LEU A 785 -8.34 -26.18 -8.12
C LEU A 785 -7.07 -25.50 -7.57
N VAL A 786 -6.02 -25.35 -8.37
CA VAL A 786 -4.85 -24.60 -7.89
C VAL A 786 -5.21 -23.16 -7.55
N PHE A 787 -5.93 -22.48 -8.43
CA PHE A 787 -6.39 -21.13 -8.13
C PHE A 787 -7.25 -21.09 -6.87
N PHE A 788 -8.15 -22.05 -6.69
CA PHE A 788 -8.94 -22.11 -5.47
C PHE A 788 -8.07 -22.19 -4.21
N VAL A 789 -7.12 -23.11 -4.17
CA VAL A 789 -6.32 -23.29 -2.96
C VAL A 789 -5.47 -22.06 -2.67
N LEU A 790 -4.79 -21.51 -3.69
CA LEU A 790 -3.88 -20.41 -3.45
C LEU A 790 -4.58 -19.07 -3.18
N VAL A 791 -5.73 -18.80 -3.78
CA VAL A 791 -6.49 -17.61 -3.39
C VAL A 791 -7.08 -17.79 -1.99
N SER A 792 -7.55 -18.99 -1.66
CA SER A 792 -7.98 -19.25 -0.29
C SER A 792 -6.85 -19.08 0.71
N SER A 793 -5.62 -19.41 0.31
CA SER A 793 -4.45 -19.14 1.15
C SER A 793 -4.23 -17.65 1.35
N SER A 794 -4.24 -16.87 0.29
CA SER A 794 -4.07 -15.43 0.41
C SER A 794 -5.15 -14.80 1.26
N GLN A 795 -6.39 -15.26 1.11
CA GLN A 795 -7.49 -14.79 1.93
C GLN A 795 -7.30 -15.12 3.41
N THR A 796 -6.83 -16.33 3.72
CA THR A 796 -6.58 -16.71 5.11
C THR A 796 -5.40 -15.97 5.72
N LEU A 797 -4.27 -15.88 5.01
CA LEU A 797 -3.11 -15.17 5.53
C LEU A 797 -3.36 -13.68 5.72
N HIS A 798 -4.15 -13.04 4.86
CA HIS A 798 -4.55 -11.67 5.13
C HIS A 798 -5.29 -11.55 6.45
N ASN A 799 -6.32 -12.37 6.66
CA ASN A 799 -7.12 -12.25 7.89
C ASN A 799 -6.26 -12.39 9.15
N GLN A 800 -5.33 -13.33 9.15
CA GLN A 800 -4.44 -13.49 10.29
C GLN A 800 -3.51 -12.31 10.47
N MET A 801 -2.99 -11.75 9.37
CA MET A 801 -2.13 -10.57 9.45
C MET A 801 -2.88 -9.36 9.99
N PHE A 802 -4.09 -9.13 9.53
CA PHE A 802 -4.89 -8.01 10.01
C PHE A 802 -5.30 -8.17 11.47
N GLU A 803 -5.75 -9.35 11.87
CA GLU A 803 -6.03 -9.60 13.29
C GLU A 803 -4.80 -9.41 14.16
N SER A 804 -3.66 -9.91 13.72
CA SER A 804 -2.39 -9.69 14.40
C SER A 804 -2.04 -8.22 14.54
N ILE A 805 -2.25 -7.42 13.49
CA ILE A 805 -1.99 -5.99 13.55
C ILE A 805 -2.90 -5.28 14.56
N LEU A 806 -4.20 -5.58 14.56
CA LEU A 806 -5.07 -4.95 15.54
C LEU A 806 -4.72 -5.29 16.99
N ARG A 807 -4.12 -6.45 17.25
CA ARG A 807 -3.64 -6.77 18.58
C ARG A 807 -2.17 -6.40 18.86
N ALA A 808 -1.46 -5.82 17.90
CA ALA A 808 -0.09 -5.37 18.19
C ALA A 808 -0.09 -4.17 19.14
N PRO A 809 0.88 -4.08 20.05
CA PRO A 809 0.94 -2.95 20.97
C PRO A 809 1.35 -1.65 20.26
N VAL A 810 1.00 -0.52 20.87
CA VAL A 810 1.30 0.78 20.25
C VAL A 810 2.79 0.96 20.03
N LEU A 811 3.63 0.30 20.83
CA LEU A 811 5.07 0.34 20.58
C LEU A 811 5.43 -0.17 19.20
N PHE A 812 4.66 -1.12 18.66
CA PHE A 812 4.92 -1.62 17.32
C PHE A 812 4.79 -0.51 16.28
N PHE A 813 3.75 0.30 16.39
CA PHE A 813 3.53 1.39 15.44
C PHE A 813 4.48 2.56 15.64
N ASP A 814 5.01 2.75 16.85
CA ASP A 814 6.05 3.75 17.05
C ASP A 814 7.40 3.33 16.47
N ARG A 815 7.73 2.03 16.50
CA ARG A 815 9.02 1.57 15.98
C ARG A 815 8.98 1.14 14.52
N ASN A 816 7.82 0.88 13.93
CA ASN A 816 7.74 0.57 12.50
C ASN A 816 7.14 1.74 11.72
N PRO A 817 7.81 2.20 10.65
CA PRO A 817 7.23 3.24 9.79
C PRO A 817 5.89 2.84 9.16
N ILE A 818 5.04 3.85 8.96
CA ILE A 818 3.71 3.62 8.38
C ILE A 818 3.83 2.96 7.01
N GLY A 819 4.81 3.38 6.22
CA GLY A 819 5.00 2.80 4.90
C GLY A 819 5.45 1.36 4.90
N ARG A 820 6.18 0.95 5.93
CA ARG A 820 6.56 -0.46 6.05
C ARG A 820 5.35 -1.36 6.22
N ILE A 821 4.33 -0.89 6.94
CA ILE A 821 3.11 -1.66 7.15
C ILE A 821 2.22 -1.64 5.91
N LEU A 822 1.97 -0.46 5.34
CA LEU A 822 1.18 -0.37 4.11
C LEU A 822 1.78 -1.16 2.97
N ASN A 823 3.10 -1.32 2.93
CA ASN A 823 3.70 -2.13 1.89
C ASN A 823 3.20 -3.57 1.90
N ARG A 824 2.96 -4.15 3.08
CA ARG A 824 2.36 -5.49 3.14
C ARG A 824 0.95 -5.49 2.57
N PHE A 825 0.08 -4.62 3.12
CA PHE A 825 -1.33 -4.60 2.75
C PHE A 825 -1.59 -4.11 1.34
N SER A 826 -0.65 -3.39 0.75
CA SER A 826 -0.81 -2.91 -0.62
C SER A 826 -0.09 -3.80 -1.62
N LYS A 827 1.23 -3.83 -1.56
CA LYS A 827 2.04 -4.47 -2.60
C LYS A 827 2.06 -5.99 -2.46
N ASP A 828 2.41 -6.51 -1.29
CA ASP A 828 2.57 -7.94 -1.12
C ASP A 828 1.26 -8.71 -1.25
N ILE A 829 0.19 -8.23 -0.62
CA ILE A 829 -1.12 -8.83 -0.82
C ILE A 829 -1.57 -8.74 -2.28
N GLY A 830 -1.25 -7.63 -2.96
CA GLY A 830 -1.50 -7.55 -4.38
C GLY A 830 -0.88 -8.67 -5.20
N HIS A 831 0.41 -8.95 -4.97
CA HIS A 831 1.06 -10.07 -5.65
C HIS A 831 0.47 -11.43 -5.26
N MET A 832 0.17 -11.63 -3.98
CA MET A 832 -0.41 -12.90 -3.54
C MET A 832 -1.81 -13.12 -4.09
N ASP A 833 -2.57 -12.05 -4.34
CA ASP A 833 -3.89 -12.19 -4.93
C ASP A 833 -3.85 -12.35 -6.44
N ASP A 834 -3.16 -11.44 -7.14
CA ASP A 834 -3.19 -11.41 -8.60
C ASP A 834 -2.21 -12.40 -9.22
N LEU A 835 -0.94 -12.26 -8.89
CA LEU A 835 0.13 -12.74 -9.74
C LEU A 835 0.73 -14.06 -9.28
N LEU A 836 0.85 -14.28 -7.98
CA LEU A 836 1.47 -15.49 -7.48
C LEU A 836 0.69 -16.77 -7.82
N PRO A 837 -0.65 -16.78 -7.69
CA PRO A 837 -1.39 -18.01 -8.05
C PRO A 837 -1.23 -18.39 -9.51
N LEU A 838 -1.29 -17.42 -10.41
CA LEU A 838 -1.06 -17.66 -11.82
C LEU A 838 0.33 -18.21 -12.08
N THR A 839 1.36 -17.59 -11.49
CA THR A 839 2.73 -18.01 -11.72
C THR A 839 3.01 -19.40 -11.15
N TYR A 840 2.38 -19.75 -10.01
CA TYR A 840 2.49 -21.12 -9.52
C TYR A 840 1.90 -22.13 -10.49
N LEU A 841 0.67 -21.90 -10.96
CA LEU A 841 0.06 -22.87 -11.87
C LEU A 841 0.86 -23.01 -13.15
N ASP A 842 1.35 -21.90 -13.69
CA ASP A 842 2.17 -21.95 -14.90
C ASP A 842 3.46 -22.74 -14.69
N PHE A 843 4.11 -22.56 -13.55
CA PHE A 843 5.28 -23.38 -13.23
C PHE A 843 4.94 -24.85 -13.04
N ILE A 844 3.86 -25.15 -12.30
CA ILE A 844 3.46 -26.53 -12.07
C ILE A 844 3.18 -27.25 -13.39
N GLN A 845 2.42 -26.63 -14.28
CA GLN A 845 2.18 -27.22 -15.60
C GLN A 845 3.48 -27.48 -16.36
N THR A 846 4.28 -26.44 -16.56
CA THR A 846 5.49 -26.59 -17.36
C THR A 846 6.50 -27.53 -16.73
N PHE A 847 6.61 -27.54 -15.39
CA PHE A 847 7.55 -28.45 -14.75
C PHE A 847 7.16 -29.91 -14.97
N LEU A 848 5.89 -30.25 -14.81
CA LEU A 848 5.45 -31.61 -15.09
C LEU A 848 5.61 -31.98 -16.55
N GLN A 849 5.43 -31.03 -17.47
CA GLN A 849 5.70 -31.30 -18.89
C GLN A 849 7.16 -31.59 -19.16
N VAL A 850 8.08 -30.86 -18.53
CA VAL A 850 9.51 -31.18 -18.65
C VAL A 850 9.81 -32.59 -18.15
N ILE A 851 9.26 -32.97 -16.99
CA ILE A 851 9.42 -34.35 -16.52
C ILE A 851 8.85 -35.34 -17.52
N GLY A 852 7.73 -35.02 -18.15
CA GLY A 852 7.19 -35.88 -19.20
C GLY A 852 8.15 -36.15 -20.35
N VAL A 853 8.91 -35.15 -20.77
CA VAL A 853 9.91 -35.36 -21.82
C VAL A 853 11.01 -36.32 -21.38
N VAL A 854 11.58 -36.11 -20.20
CA VAL A 854 12.66 -36.97 -19.72
C VAL A 854 12.17 -38.40 -19.50
N GLY A 855 10.95 -38.54 -18.97
CA GLY A 855 10.37 -39.87 -18.84
C GLY A 855 10.18 -40.60 -20.17
N VAL A 856 9.59 -39.92 -21.15
CA VAL A 856 9.41 -40.53 -22.48
C VAL A 856 10.75 -40.87 -23.12
N ALA A 857 11.71 -39.95 -23.07
CA ALA A 857 13.00 -40.20 -23.72
C ALA A 857 13.71 -41.43 -23.13
N VAL A 858 13.75 -41.55 -21.81
CA VAL A 858 14.37 -42.72 -21.19
C VAL A 858 13.52 -43.98 -21.42
N ALA A 859 12.20 -43.86 -21.35
CA ALA A 859 11.34 -45.02 -21.55
C ALA A 859 11.44 -45.58 -22.97
N VAL A 860 11.61 -44.71 -23.97
CA VAL A 860 11.86 -45.19 -25.33
C VAL A 860 13.31 -45.62 -25.52
N ILE A 861 14.27 -44.84 -25.02
CA ILE A 861 15.70 -45.10 -25.24
C ILE A 861 16.42 -45.21 -23.90
N PRO A 862 16.44 -46.39 -23.28
CA PRO A 862 16.95 -46.50 -21.90
C PRO A 862 18.37 -45.99 -21.69
N TRP A 863 19.27 -46.16 -22.67
CA TRP A 863 20.65 -45.72 -22.50
C TRP A 863 20.82 -44.22 -22.36
N ILE A 864 19.77 -43.42 -22.59
CA ILE A 864 19.81 -42.01 -22.24
C ILE A 864 20.05 -41.81 -20.75
N ALA A 865 19.73 -42.81 -19.92
CA ALA A 865 20.00 -42.72 -18.50
C ALA A 865 21.49 -42.56 -18.16
N ILE A 866 22.39 -42.97 -19.05
CA ILE A 866 23.83 -42.87 -18.80
C ILE A 866 24.31 -41.41 -18.78
N PRO A 867 24.17 -40.64 -19.86
CA PRO A 867 24.54 -39.21 -19.77
C PRO A 867 23.65 -38.40 -18.84
N LEU A 868 22.41 -38.83 -18.62
CA LEU A 868 21.51 -38.08 -17.74
C LEU A 868 22.05 -37.98 -16.31
N VAL A 869 22.85 -38.94 -15.85
CA VAL A 869 23.47 -38.84 -14.53
C VAL A 869 24.46 -37.68 -14.45
N PRO A 870 25.48 -37.58 -15.31
CA PRO A 870 26.30 -36.36 -15.31
C PRO A 870 25.52 -35.06 -15.44
N LEU A 871 24.54 -35.00 -16.34
CA LEU A 871 23.74 -33.78 -16.48
C LEU A 871 23.00 -33.45 -15.18
N GLY A 872 22.45 -34.47 -14.52
CA GLY A 872 21.82 -34.24 -13.23
C GLY A 872 22.80 -33.76 -12.18
N ILE A 873 24.02 -34.31 -12.17
CA ILE A 873 25.06 -33.84 -11.25
C ILE A 873 25.38 -32.37 -11.49
N VAL A 874 25.54 -31.97 -12.76
CA VAL A 874 25.78 -30.56 -13.06
C VAL A 874 24.60 -29.70 -12.63
N PHE A 875 23.38 -30.18 -12.85
CA PHE A 875 22.20 -29.45 -12.37
C PHE A 875 22.25 -29.24 -10.86
N PHE A 876 22.59 -30.30 -10.10
CA PHE A 876 22.73 -30.16 -8.66
C PHE A 876 23.85 -29.18 -8.30
N VAL A 877 25.01 -29.31 -8.96
CA VAL A 877 26.13 -28.41 -8.70
C VAL A 877 25.74 -26.94 -8.93
N LEU A 878 25.07 -26.65 -10.04
CA LEU A 878 24.61 -25.28 -10.27
C LEU A 878 23.66 -24.81 -9.17
N ARG A 879 22.70 -25.64 -8.77
CA ARG A 879 21.77 -25.23 -7.72
C ARG A 879 22.48 -25.05 -6.38
N ARG A 880 23.50 -25.86 -6.10
CA ARG A 880 24.26 -25.73 -4.85
C ARG A 880 25.26 -24.56 -4.91
N TYR A 881 25.86 -24.29 -6.07
CA TYR A 881 26.72 -23.12 -6.19
C TYR A 881 25.92 -21.81 -6.25
N PHE A 882 24.75 -21.83 -6.86
CA PHE A 882 23.92 -20.64 -6.94
C PHE A 882 23.23 -20.34 -5.60
N PRO A 899 10.59 4.43 4.23
CA PRO A 899 10.10 3.83 2.98
C PRO A 899 9.42 4.84 2.06
N VAL A 900 9.34 4.50 0.78
CA VAL A 900 8.76 5.40 -0.22
C VAL A 900 7.33 5.81 0.13
N PHE A 901 6.54 4.94 0.74
CA PHE A 901 5.20 5.33 1.18
C PHE A 901 5.21 6.17 2.45
N SER A 902 6.21 6.01 3.33
CA SER A 902 6.33 6.95 4.43
C SER A 902 6.74 8.33 3.95
N HIS A 903 7.64 8.40 2.97
CA HIS A 903 7.98 9.68 2.36
C HIS A 903 6.79 10.32 1.67
N LEU A 904 6.02 9.53 0.91
CA LEU A 904 4.79 10.03 0.32
C LEU A 904 3.83 10.55 1.39
N SER A 905 3.58 9.76 2.44
CA SER A 905 2.65 10.19 3.48
C SER A 905 3.12 11.46 4.19
N SER A 906 4.41 11.53 4.50
CA SER A 906 4.99 12.75 5.03
C SER A 906 4.81 13.94 4.09
N SER A 907 5.06 13.73 2.80
CA SER A 907 4.93 14.81 1.81
C SER A 907 3.50 15.31 1.68
N LEU A 908 2.52 14.40 1.67
CA LEU A 908 1.12 14.81 1.58
C LEU A 908 0.65 15.53 2.84
N GLN A 909 1.14 15.14 4.01
CA GLN A 909 0.82 15.89 5.23
C GLN A 909 1.41 17.29 5.20
N GLY A 910 2.67 17.43 4.84
CA GLY A 910 3.39 18.69 4.84
C GLY A 910 3.23 19.54 3.61
N LEU A 911 2.32 19.17 2.71
CA LEU A 911 2.34 19.67 1.33
C LEU A 911 2.33 21.20 1.25
N TRP A 912 1.45 21.86 2.01
CA TRP A 912 1.43 23.33 1.97
C TRP A 912 2.72 23.94 2.52
N THR A 913 3.35 23.30 3.50
CA THR A 913 4.61 23.79 4.07
C THR A 913 5.79 23.54 3.12
N ILE A 914 5.80 22.38 2.46
CA ILE A 914 6.77 22.11 1.40
C ILE A 914 6.68 23.14 0.29
N ARG A 915 5.47 23.47 -0.14
CA ARG A 915 5.29 24.55 -1.12
C ARG A 915 5.67 25.92 -0.57
N ALA A 916 5.38 26.18 0.71
CA ALA A 916 5.73 27.48 1.29
C ALA A 916 7.23 27.75 1.22
N TYR A 917 8.05 26.80 1.67
CA TYR A 917 9.50 26.94 1.58
C TYR A 917 10.06 26.65 0.18
N LYS A 918 9.22 26.25 -0.77
CA LYS A 918 9.66 25.81 -2.10
C LYS A 918 10.68 24.67 -2.04
N ALA A 919 10.44 23.72 -1.14
CA ALA A 919 11.27 22.54 -0.99
C ALA A 919 10.97 21.46 -2.03
N GLU A 920 10.07 21.73 -2.98
CA GLU A 920 9.53 20.70 -3.87
C GLU A 920 10.60 19.96 -4.67
N GLN A 921 11.63 20.67 -5.12
CA GLN A 921 12.73 20.00 -5.84
C GLN A 921 13.51 19.05 -4.95
N ARG A 922 13.79 19.43 -3.71
CA ARG A 922 14.51 18.55 -2.79
C ARG A 922 13.71 17.30 -2.46
N PHE A 923 12.40 17.45 -2.27
CA PHE A 923 11.54 16.29 -2.05
C PHE A 923 11.45 15.39 -3.29
N GLN A 924 11.39 15.97 -4.48
CA GLN A 924 11.47 15.17 -5.70
C GLN A 924 12.77 14.40 -5.78
N GLU A 925 13.90 15.01 -5.42
CA GLU A 925 15.18 14.32 -5.46
C GLU A 925 15.25 13.14 -4.50
N LEU A 926 14.67 13.26 -3.31
CA LEU A 926 14.61 12.12 -2.40
C LEU A 926 13.85 10.95 -3.01
N PHE A 927 12.70 11.23 -3.61
CA PHE A 927 11.91 10.18 -4.24
C PHE A 927 12.69 9.48 -5.35
N ASP A 928 13.30 10.25 -6.25
CA ASP A 928 14.14 9.67 -7.29
C ASP A 928 15.33 8.88 -6.75
N SER A 929 15.95 9.35 -5.66
CA SER A 929 17.03 8.58 -5.04
C SER A 929 16.53 7.24 -4.52
N HIS A 930 15.35 7.22 -3.89
CA HIS A 930 14.79 5.97 -3.40
C HIS A 930 14.44 5.01 -4.53
N GLN A 931 13.83 5.51 -5.60
CA GLN A 931 13.55 4.67 -6.77
C GLN A 931 14.83 4.08 -7.37
N ASP A 932 15.91 4.86 -7.42
CA ASP A 932 17.17 4.32 -7.92
C ASP A 932 17.75 3.21 -7.04
N LEU A 933 17.54 3.27 -5.72
CA LEU A 933 17.93 2.14 -4.88
C LEU A 933 17.18 0.87 -5.23
N HIS A 934 15.85 0.96 -5.39
CA HIS A 934 15.08 -0.21 -5.78
C HIS A 934 15.46 -0.71 -7.18
N SER A 935 15.88 0.20 -8.05
CA SER A 935 16.35 -0.21 -9.37
C SER A 935 17.61 -1.07 -9.32
N GLU A 936 18.56 -0.75 -8.45
CA GLU A 936 19.74 -1.63 -8.31
C GLU A 936 19.36 -3.03 -7.85
N ALA A 937 18.43 -3.13 -6.90
CA ALA A 937 17.97 -4.44 -6.47
C ALA A 937 17.33 -5.21 -7.61
N TRP A 938 16.58 -4.53 -8.47
CA TRP A 938 15.98 -5.16 -9.64
C TRP A 938 17.01 -5.66 -10.64
N PHE A 939 18.02 -4.84 -10.94
CA PHE A 939 19.07 -5.26 -11.88
C PHE A 939 19.96 -6.37 -11.31
N LEU A 940 20.24 -6.36 -10.02
CA LEU A 940 20.97 -7.47 -9.41
C LEU A 940 20.18 -8.78 -9.46
N PHE A 941 18.89 -8.72 -9.18
CA PHE A 941 18.04 -9.91 -9.36
C PHE A 941 18.05 -10.41 -10.80
N LEU A 942 17.84 -9.51 -11.76
CA LEU A 942 17.84 -9.91 -13.16
C LEU A 942 19.19 -10.50 -13.58
N THR A 943 20.30 -9.88 -13.17
CA THR A 943 21.62 -10.37 -13.57
C THR A 943 21.95 -11.74 -12.98
N THR A 944 21.69 -11.94 -11.69
CA THR A 944 21.89 -13.27 -11.10
C THR A 944 20.96 -14.32 -11.67
N SER A 945 19.69 -13.97 -11.88
CA SER A 945 18.76 -14.92 -12.49
C SER A 945 19.19 -15.32 -13.89
N ARG A 946 19.65 -14.36 -14.70
CA ARG A 946 20.14 -14.68 -16.04
C ARG A 946 21.39 -15.56 -16.01
N TRP A 947 22.32 -15.30 -15.09
CA TRP A 947 23.51 -16.15 -14.98
C TRP A 947 23.17 -17.61 -14.76
N PHE A 948 22.17 -17.89 -13.93
CA PHE A 948 21.73 -19.26 -13.70
C PHE A 948 20.97 -19.82 -14.90
N ALA A 949 20.09 -19.02 -15.49
CA ALA A 949 19.30 -19.47 -16.63
C ALA A 949 20.15 -19.86 -17.84
N VAL A 950 21.17 -19.08 -18.20
CA VAL A 950 21.98 -19.43 -19.36
C VAL A 950 22.81 -20.70 -19.17
N ARG A 951 23.07 -21.10 -17.94
CA ARG A 951 23.73 -22.37 -17.66
C ARG A 951 22.76 -23.55 -17.61
N LEU A 952 21.57 -23.38 -17.03
CA LEU A 952 20.55 -24.42 -17.12
C LEU A 952 20.20 -24.76 -18.57
N ASP A 953 20.12 -23.75 -19.44
CA ASP A 953 19.92 -24.03 -20.86
C ASP A 953 21.04 -24.84 -21.49
N ALA A 954 22.28 -24.73 -20.99
CA ALA A 954 23.34 -25.57 -21.52
C ALA A 954 23.12 -27.05 -21.21
N ILE A 955 22.58 -27.36 -20.04
CA ILE A 955 22.18 -28.74 -19.74
C ILE A 955 21.09 -29.20 -20.69
N CYS A 956 20.05 -28.40 -20.85
CA CYS A 956 18.93 -28.74 -21.73
C CYS A 956 19.37 -28.92 -23.17
N ALA A 957 20.25 -28.04 -23.66
CA ALA A 957 20.73 -28.16 -25.04
C ALA A 957 21.51 -29.45 -25.28
N VAL A 958 22.38 -29.84 -24.35
CA VAL A 958 23.06 -31.14 -24.46
C VAL A 958 22.07 -32.30 -24.45
N PHE A 959 21.03 -32.25 -23.62
CA PHE A 959 20.04 -33.32 -23.62
C PHE A 959 19.35 -33.48 -24.97
N VAL A 960 18.91 -32.38 -25.56
CA VAL A 960 18.30 -32.45 -26.89
C VAL A 960 19.27 -33.02 -27.92
N ILE A 961 20.54 -32.66 -27.83
CA ILE A 961 21.55 -33.17 -28.75
C ILE A 961 21.82 -34.66 -28.56
N VAL A 962 21.97 -35.14 -27.32
CA VAL A 962 22.23 -36.58 -27.13
C VAL A 962 21.00 -37.45 -27.42
N VAL A 963 19.78 -36.96 -27.22
CA VAL A 963 18.63 -37.75 -27.65
C VAL A 963 18.51 -37.77 -29.17
N ALA A 964 18.82 -36.66 -29.83
CA ALA A 964 18.81 -36.65 -31.30
C ALA A 964 19.83 -37.62 -31.87
N PHE A 965 21.11 -37.47 -31.52
CA PHE A 965 22.14 -38.36 -32.06
C PHE A 965 22.08 -39.77 -31.46
N GLY A 966 21.70 -39.88 -30.19
CA GLY A 966 21.53 -41.21 -29.61
C GLY A 966 20.50 -42.04 -30.34
N SER A 967 19.45 -41.42 -30.89
CA SER A 967 18.48 -42.15 -31.69
C SER A 967 19.12 -42.78 -32.92
N LEU A 968 20.03 -42.07 -33.58
CA LEU A 968 20.67 -42.57 -34.80
C LEU A 968 21.76 -43.60 -34.52
N ILE A 969 22.46 -43.48 -33.39
CA ILE A 969 23.44 -44.49 -32.99
C ILE A 969 22.75 -45.80 -32.63
N LEU A 970 21.65 -45.75 -31.89
CA LEU A 970 20.92 -46.93 -31.43
C LEU A 970 19.87 -47.43 -32.43
N ALA A 971 19.87 -46.92 -33.66
CA ALA A 971 18.73 -47.05 -34.57
C ALA A 971 18.27 -48.49 -34.79
N LYS A 972 19.18 -49.46 -34.81
CA LYS A 972 18.80 -50.86 -34.98
C LYS A 972 17.84 -51.38 -33.90
N THR A 973 17.69 -50.67 -32.79
CA THR A 973 16.76 -51.08 -31.74
C THR A 973 15.43 -50.32 -31.75
N LEU A 974 15.33 -49.23 -32.52
CA LEU A 974 14.18 -48.34 -32.50
C LEU A 974 13.16 -48.69 -33.59
N ASP A 975 12.00 -48.01 -33.51
CA ASP A 975 10.97 -48.05 -34.54
C ASP A 975 10.42 -46.64 -34.76
N ALA A 976 9.86 -46.42 -35.95
CA ALA A 976 9.61 -45.05 -36.41
C ALA A 976 8.64 -44.29 -35.51
N GLY A 977 7.58 -44.96 -35.04
CA GLY A 977 6.66 -44.33 -34.10
C GLY A 977 7.31 -44.01 -32.77
N GLN A 978 8.29 -44.81 -32.37
CA GLN A 978 8.99 -44.55 -31.11
C GLN A 978 9.91 -43.33 -31.20
N VAL A 979 10.69 -43.22 -32.27
CA VAL A 979 11.50 -42.03 -32.48
C VAL A 979 10.64 -40.79 -32.70
N GLY A 980 9.55 -40.92 -33.45
CA GLY A 980 8.64 -39.80 -33.59
C GLY A 980 8.14 -39.29 -32.26
N LEU A 981 7.80 -40.19 -31.35
CA LEU A 981 7.36 -39.81 -30.01
C LEU A 981 8.48 -39.16 -29.22
N ALA A 982 9.63 -39.84 -29.09
CA ALA A 982 10.72 -39.31 -28.28
C ALA A 982 11.20 -37.95 -28.76
N LEU A 983 11.43 -37.78 -30.07
CA LEU A 983 11.96 -36.51 -30.58
C LEU A 983 10.92 -35.40 -30.72
N SER A 984 9.65 -35.70 -30.94
CA SER A 984 8.64 -34.65 -30.85
C SER A 984 8.61 -34.03 -29.46
N TYR A 985 8.68 -34.87 -28.43
CA TYR A 985 8.79 -34.37 -27.06
C TYR A 985 10.09 -33.58 -26.85
N ALA A 986 11.21 -34.10 -27.32
CA ALA A 986 12.48 -33.39 -27.18
C ALA A 986 12.47 -32.01 -27.82
N LEU A 987 11.87 -31.84 -29.00
CA LEU A 987 11.80 -30.51 -29.60
C LEU A 987 10.97 -29.52 -28.79
N THR A 988 9.93 -29.98 -28.08
CA THR A 988 9.18 -29.07 -27.22
C THR A 988 9.95 -28.71 -25.95
N LEU A 989 11.00 -29.46 -25.61
CA LEU A 989 11.60 -29.36 -24.28
C LEU A 989 12.10 -27.95 -23.99
N MET A 990 12.92 -27.38 -24.87
CA MET A 990 13.71 -26.23 -24.46
C MET A 990 12.86 -24.97 -24.30
N GLY A 991 11.87 -24.75 -25.16
CA GLY A 991 10.97 -23.62 -24.98
C GLY A 991 10.18 -23.68 -23.69
N MET A 992 9.70 -24.87 -23.32
CA MET A 992 9.05 -25.07 -22.02
C MET A 992 10.03 -24.95 -20.87
N PHE A 993 11.21 -25.54 -21.03
CA PHE A 993 12.24 -25.49 -20.00
C PHE A 993 12.66 -24.06 -19.67
N GLN A 994 12.84 -23.22 -20.69
CA GLN A 994 13.14 -21.81 -20.46
C GLN A 994 12.03 -21.10 -19.70
N TRP A 995 10.78 -21.29 -20.12
CA TRP A 995 9.67 -20.63 -19.43
C TRP A 995 9.49 -21.16 -18.02
N CYS A 996 9.69 -22.46 -17.84
CA CYS A 996 9.68 -23.05 -16.51
C CYS A 996 10.70 -22.38 -15.58
N VAL A 997 11.95 -22.22 -16.05
CA VAL A 997 12.98 -21.55 -15.25
C VAL A 997 12.63 -20.09 -14.98
N ARG A 998 12.08 -19.38 -15.95
CA ARG A 998 11.63 -18.01 -15.70
C ARG A 998 10.55 -17.94 -14.63
N GLN A 999 9.49 -18.74 -14.77
CA GLN A 999 8.41 -18.72 -13.78
C GLN A 999 8.88 -19.22 -12.42
N SER A 1000 9.83 -20.15 -12.40
CA SER A 1000 10.46 -20.54 -11.14
C SER A 1000 11.13 -19.36 -10.44
N ALA A 1001 11.93 -18.59 -11.19
CA ALA A 1001 12.59 -17.42 -10.61
C ALA A 1001 11.61 -16.39 -10.07
N GLU A 1002 10.52 -16.14 -10.79
CA GLU A 1002 9.51 -15.21 -10.29
C GLU A 1002 8.74 -15.75 -9.08
N VAL A 1003 8.44 -17.06 -9.05
CA VAL A 1003 7.86 -17.63 -7.84
C VAL A 1003 8.79 -17.45 -6.65
N GLU A 1004 10.05 -17.83 -6.82
CA GLU A 1004 11.01 -17.73 -5.72
C GLU A 1004 11.21 -16.29 -5.26
N ASN A 1005 11.17 -15.34 -6.20
CA ASN A 1005 11.19 -13.93 -5.84
C ASN A 1005 9.95 -13.49 -5.08
N MET A 1006 8.76 -13.87 -5.55
CA MET A 1006 7.51 -13.47 -4.89
C MET A 1006 7.27 -14.16 -3.55
N MET A 1007 7.91 -15.29 -3.28
CA MET A 1007 7.81 -15.88 -1.94
C MET A 1007 8.39 -14.96 -0.86
N ILE A 1008 9.24 -14.01 -1.20
CA ILE A 1008 9.64 -12.98 -0.24
C ILE A 1008 8.44 -12.20 0.27
N SER A 1009 7.50 -11.88 -0.63
CA SER A 1009 6.27 -11.24 -0.20
C SER A 1009 5.48 -12.10 0.78
N VAL A 1010 5.44 -13.41 0.58
CA VAL A 1010 4.74 -14.29 1.50
C VAL A 1010 5.42 -14.35 2.86
N GLU A 1011 6.76 -14.45 2.90
CA GLU A 1011 7.46 -14.36 4.17
C GLU A 1011 7.23 -13.03 4.88
N ARG A 1012 7.23 -11.93 4.16
CA ARG A 1012 6.92 -10.63 4.76
C ARG A 1012 5.51 -10.56 5.32
N VAL A 1013 4.58 -11.35 4.78
CA VAL A 1013 3.22 -11.41 5.31
C VAL A 1013 3.14 -12.38 6.49
N ILE A 1014 3.75 -13.55 6.36
CA ILE A 1014 3.76 -14.51 7.47
C ILE A 1014 4.37 -13.91 8.73
N GLU A 1015 5.48 -13.17 8.62
CA GLU A 1015 6.06 -12.57 9.83
C GLU A 1015 5.10 -11.62 10.54
N TYR A 1016 4.25 -10.90 9.82
CA TYR A 1016 3.23 -10.08 10.47
C TYR A 1016 2.01 -10.87 10.95
N THR A 1017 1.85 -12.14 10.58
CA THR A 1017 0.83 -12.95 11.24
C THR A 1017 1.25 -13.33 12.66
N ASP A 1018 2.54 -13.21 12.99
CA ASP A 1018 3.09 -13.70 14.25
C ASP A 1018 3.69 -12.58 15.10
N LEU A 1019 3.12 -11.38 15.04
CA LEU A 1019 3.58 -10.27 15.89
C LEU A 1019 3.36 -10.57 17.36
N GLU A 1020 4.14 -9.89 18.21
CA GLU A 1020 3.88 -9.90 19.65
C GLU A 1020 2.51 -9.28 19.96
N LYS A 1021 1.80 -9.87 20.91
CA LYS A 1021 0.41 -9.54 21.20
C LYS A 1021 0.30 -8.65 22.43
N GLU A 1022 -0.50 -7.59 22.31
CA GLU A 1022 -1.10 -6.92 23.46
C GLU A 1022 -2.02 -7.88 24.22
N ALA A 1023 -2.10 -7.70 25.54
CA ALA A 1023 -2.78 -8.66 26.40
C ALA A 1023 -4.23 -8.90 26.00
N PRO A 1024 -4.79 -10.07 26.34
CA PRO A 1024 -6.15 -10.44 25.91
C PRO A 1024 -7.24 -9.43 26.28
N TRP A 1025 -8.13 -9.20 25.33
CA TRP A 1025 -9.20 -8.23 25.50
C TRP A 1025 -10.20 -8.61 26.59
N GLU A 1026 -10.46 -9.91 26.78
CA GLU A 1026 -11.22 -10.41 27.92
C GLU A 1026 -10.46 -11.55 28.58
N TYR A 1027 -10.25 -11.45 29.90
CA TYR A 1027 -9.64 -12.51 30.67
C TYR A 1027 -10.70 -13.52 31.11
N GLN A 1028 -10.26 -14.60 31.76
CA GLN A 1028 -11.20 -15.55 32.36
C GLN A 1028 -11.96 -14.93 33.52
N LYS A 1029 -11.28 -14.16 34.35
CA LYS A 1029 -11.96 -13.23 35.26
C LYS A 1029 -12.55 -12.04 34.51
N ARG A 1030 -13.79 -11.69 34.85
CA ARG A 1030 -14.43 -10.50 34.29
C ARG A 1030 -15.11 -9.71 35.41
N PRO A 1031 -15.08 -8.39 35.35
CA PRO A 1031 -15.81 -7.59 36.35
C PRO A 1031 -17.31 -7.73 36.20
N LEU A 1032 -18.02 -7.61 37.32
CA LEU A 1032 -19.47 -7.58 37.27
C LEU A 1032 -19.96 -6.40 36.43
N PRO A 1033 -21.12 -6.52 35.78
CA PRO A 1033 -21.62 -5.41 34.94
C PRO A 1033 -21.84 -4.11 35.70
N SER A 1034 -21.93 -4.17 37.03
CA SER A 1034 -22.04 -2.96 37.86
C SER A 1034 -20.77 -2.13 37.89
N TRP A 1035 -19.63 -2.71 37.54
CA TRP A 1035 -18.32 -2.09 37.73
C TRP A 1035 -17.98 -1.15 36.57
N PRO A 1036 -17.29 -0.03 36.84
CA PRO A 1036 -17.07 0.62 38.15
C PRO A 1036 -18.36 1.13 38.77
N HIS A 1037 -18.50 1.03 40.08
CA HIS A 1037 -19.72 1.40 40.78
C HIS A 1037 -19.55 2.61 41.68
N GLU A 1038 -18.32 3.02 41.94
CA GLU A 1038 -17.99 4.21 42.71
C GLU A 1038 -17.03 5.13 41.96
N GLY A 1039 -16.11 4.57 41.18
CA GLY A 1039 -15.12 5.36 40.47
C GLY A 1039 -13.97 5.83 41.31
N VAL A 1040 -13.62 5.08 42.35
CA VAL A 1040 -12.36 5.28 43.07
C VAL A 1040 -11.20 4.76 42.24
N ILE A 1041 -10.16 5.57 42.07
CA ILE A 1041 -8.93 5.16 41.42
C ILE A 1041 -7.78 5.39 42.39
N ILE A 1042 -7.00 4.35 42.65
CA ILE A 1042 -5.81 4.44 43.49
C ILE A 1042 -4.59 4.12 42.63
N PHE A 1043 -3.62 5.02 42.64
CA PHE A 1043 -2.28 4.77 42.09
C PHE A 1043 -1.35 4.45 43.25
N ASP A 1044 -0.65 3.32 43.18
CA ASP A 1044 0.19 2.87 44.30
C ASP A 1044 1.60 2.56 43.80
N ASN A 1045 2.52 3.50 44.05
CA ASN A 1045 3.94 3.39 43.70
C ASN A 1045 4.15 3.03 42.23
N VAL A 1046 3.40 3.68 41.35
CA VAL A 1046 3.43 3.39 39.91
C VAL A 1046 4.69 3.95 39.26
N ASN A 1047 5.34 3.13 38.42
CA ASN A 1047 6.38 3.60 37.50
C ASN A 1047 6.00 3.18 36.08
N PHE A 1048 6.37 3.98 35.10
CA PHE A 1048 5.95 3.76 33.73
C PHE A 1048 7.06 4.11 32.75
N SER A 1049 7.27 3.23 31.77
CA SER A 1049 8.12 3.51 30.62
C SER A 1049 7.44 2.98 29.37
N TYR A 1050 7.62 3.67 28.26
CA TYR A 1050 6.98 3.29 27.00
C TYR A 1050 7.64 2.09 26.36
N SER A 1051 8.81 1.69 26.82
CA SER A 1051 9.48 0.47 26.37
C SER A 1051 10.31 -0.05 27.53
N LEU A 1052 10.63 -1.35 27.49
CA LEU A 1052 11.46 -1.92 28.55
C LEU A 1052 12.88 -1.40 28.48
N ASP A 1053 13.39 -1.18 27.28
CA ASP A 1053 14.74 -0.68 27.06
C ASP A 1053 14.87 0.84 27.26
N GLY A 1054 13.77 1.55 27.56
CA GLY A 1054 13.78 2.99 27.58
C GLY A 1054 13.66 3.62 28.96
N PRO A 1055 13.74 4.96 29.01
CA PRO A 1055 13.63 5.67 30.29
C PRO A 1055 12.26 5.54 30.95
N LEU A 1056 12.26 5.63 32.28
CA LEU A 1056 11.03 5.89 33.03
C LEU A 1056 10.57 7.32 32.83
N VAL A 1057 9.29 7.51 32.49
CA VAL A 1057 8.70 8.84 32.40
C VAL A 1057 7.78 9.17 33.58
N LEU A 1058 7.41 8.18 34.40
CA LEU A 1058 6.76 8.40 35.69
C LEU A 1058 7.46 7.58 36.73
N LYS A 1059 7.70 8.17 37.91
CA LYS A 1059 8.44 7.53 38.97
C LYS A 1059 7.72 7.67 40.32
N HIS A 1060 7.53 6.54 41.01
CA HIS A 1060 6.94 6.51 42.37
C HIS A 1060 5.59 7.23 42.49
N LEU A 1061 4.84 7.33 41.40
CA LEU A 1061 3.56 8.01 41.40
C LEU A 1061 2.56 7.33 42.33
N THR A 1062 2.05 8.07 43.34
CA THR A 1062 1.22 7.49 44.39
C THR A 1062 0.14 8.49 44.83
N ALA A 1063 -1.13 8.18 44.54
CA ALA A 1063 -2.23 9.10 44.82
C ALA A 1063 -3.56 8.36 44.87
N LEU A 1064 -4.52 8.94 45.60
CA LEU A 1064 -5.92 8.49 45.64
C LEU A 1064 -6.83 9.51 44.95
N ILE A 1065 -7.71 9.01 44.06
CA ILE A 1065 -8.83 9.79 43.54
C ILE A 1065 -10.13 9.18 44.04
N LYS A 1066 -10.91 9.96 44.80
CA LYS A 1066 -12.13 9.48 45.44
C LYS A 1066 -13.31 9.50 44.46
N SER A 1067 -14.40 8.83 44.85
CA SER A 1067 -15.58 8.76 44.01
C SER A 1067 -16.26 10.12 43.81
N LYS A 1068 -16.70 10.37 42.58
CA LYS A 1068 -17.26 11.63 42.10
C LYS A 1068 -16.29 12.81 42.22
N GLU A 1069 -15.01 12.58 42.51
CA GLU A 1069 -14.05 13.66 42.68
C GLU A 1069 -13.61 14.23 41.32
N LYS A 1070 -13.39 15.55 41.29
CA LYS A 1070 -12.92 16.27 40.11
C LYS A 1070 -11.46 16.68 40.31
N VAL A 1071 -10.55 16.16 39.50
CA VAL A 1071 -9.11 16.38 39.66
C VAL A 1071 -8.52 17.09 38.43
N GLY A 1072 -7.78 18.17 38.68
CA GLY A 1072 -6.97 18.82 37.65
C GLY A 1072 -5.55 18.27 37.60
N ILE A 1073 -5.02 18.11 36.38
CA ILE A 1073 -3.64 17.66 36.16
C ILE A 1073 -2.85 18.77 35.48
N VAL A 1074 -1.76 19.22 36.11
CA VAL A 1074 -1.06 20.45 35.79
C VAL A 1074 0.44 20.21 35.69
N GLY A 1075 1.11 20.99 34.84
CA GLY A 1075 2.56 21.00 34.79
C GLY A 1075 3.10 21.24 33.39
N ARG A 1076 4.39 21.54 33.34
CA ARG A 1076 5.13 21.89 32.12
C ARG A 1076 4.96 20.85 31.01
N THR A 1077 5.20 21.27 29.76
CA THR A 1077 5.24 20.34 28.64
C THR A 1077 6.29 19.24 28.87
N GLY A 1078 5.93 18.02 28.50
CA GLY A 1078 6.82 16.88 28.70
C GLY A 1078 6.92 16.39 30.13
N ALA A 1079 6.11 16.91 31.04
CA ALA A 1079 6.17 16.48 32.43
C ALA A 1079 5.73 15.05 32.67
N GLY A 1080 5.01 14.43 31.73
CA GLY A 1080 4.43 13.12 31.95
C GLY A 1080 2.93 13.09 32.10
N LYS A 1081 2.22 14.18 31.79
CA LYS A 1081 0.78 14.25 32.06
C LYS A 1081 0.00 13.23 31.23
N SER A 1082 0.19 13.22 29.91
CA SER A 1082 -0.47 12.20 29.10
C SER A 1082 0.08 10.81 29.36
N SER A 1083 1.34 10.71 29.81
CA SER A 1083 1.88 9.42 30.21
C SER A 1083 1.08 8.77 31.34
N LEU A 1084 0.47 9.57 32.21
CA LEU A 1084 -0.41 9.02 33.24
C LEU A 1084 -1.63 8.32 32.65
N ILE A 1085 -2.21 8.89 31.59
CA ILE A 1085 -3.35 8.23 30.92
C ILE A 1085 -2.91 6.93 30.24
N ALA A 1086 -1.74 6.93 29.60
CA ALA A 1086 -1.24 5.72 28.98
C ALA A 1086 -1.05 4.59 29.98
N ALA A 1087 -0.63 4.91 31.21
CA ALA A 1087 -0.59 3.91 32.27
C ALA A 1087 -1.98 3.40 32.62
N LEU A 1088 -2.92 4.32 32.83
CA LEU A 1088 -4.27 3.94 33.26
C LEU A 1088 -4.98 3.08 32.22
N PHE A 1089 -4.79 3.37 30.93
CA PHE A 1089 -5.33 2.53 29.85
C PHE A 1089 -4.44 1.33 29.49
N ARG A 1090 -3.32 1.14 30.18
CA ARG A 1090 -2.39 0.04 29.92
C ARG A 1090 -1.91 -0.02 28.47
N LEU A 1091 -1.65 1.16 27.88
CA LEU A 1091 -1.06 1.19 26.54
C LEU A 1091 0.38 0.71 26.58
N SER A 1092 1.05 0.87 27.72
CA SER A 1092 2.17 0.04 28.15
C SER A 1092 1.86 -0.42 29.57
N GLU A 1093 2.39 -1.57 29.95
CA GLU A 1093 2.04 -2.12 31.26
C GLU A 1093 2.81 -1.41 32.37
N PRO A 1094 2.14 -0.73 33.30
CA PRO A 1094 2.84 -0.05 34.40
C PRO A 1094 3.44 -1.02 35.40
N GLU A 1095 4.55 -0.59 36.01
CA GLU A 1095 4.96 -1.13 37.30
C GLU A 1095 4.09 -0.55 38.42
N GLY A 1096 4.18 -1.15 39.59
CA GLY A 1096 3.29 -0.80 40.68
C GLY A 1096 1.87 -1.29 40.44
N LYS A 1097 0.92 -0.66 41.14
CA LYS A 1097 -0.45 -1.12 41.15
C LYS A 1097 -1.42 0.03 40.94
N ILE A 1098 -2.41 -0.17 40.08
CA ILE A 1098 -3.56 0.73 39.91
C ILE A 1098 -4.83 -0.05 40.22
N TRP A 1099 -5.63 0.46 41.16
CA TRP A 1099 -6.89 -0.15 41.55
C TRP A 1099 -8.06 0.73 41.13
N ILE A 1100 -9.03 0.15 40.42
CA ILE A 1100 -10.28 0.82 40.09
C ILE A 1100 -11.40 0.06 40.79
N ASP A 1101 -12.09 0.72 41.71
CA ASP A 1101 -13.11 0.10 42.57
C ASP A 1101 -12.70 -1.29 43.07
N LYS A 1102 -11.54 -1.33 43.72
CA LYS A 1102 -10.95 -2.51 44.34
C LYS A 1102 -10.59 -3.63 43.37
N ILE A 1103 -10.63 -3.41 42.05
CA ILE A 1103 -10.10 -4.37 41.08
C ILE A 1103 -8.81 -3.81 40.49
N LEU A 1104 -7.76 -4.63 40.47
CA LEU A 1104 -6.54 -4.24 39.77
C LEU A 1104 -6.77 -4.15 38.27
N THR A 1105 -6.33 -3.05 37.67
CA THR A 1105 -6.44 -2.91 36.22
C THR A 1105 -5.70 -4.01 35.47
N THR A 1106 -4.69 -4.61 36.09
CA THR A 1106 -3.89 -5.67 35.49
C THR A 1106 -4.49 -7.06 35.62
N GLU A 1107 -5.59 -7.22 36.34
CA GLU A 1107 -6.25 -8.50 36.52
C GLU A 1107 -7.54 -8.63 35.73
N ILE A 1108 -7.81 -7.72 34.80
CA ILE A 1108 -8.96 -7.78 33.90
C ILE A 1108 -8.52 -7.47 32.47
N GLY A 1109 -9.36 -7.86 31.51
CA GLY A 1109 -8.97 -7.77 30.12
C GLY A 1109 -9.02 -6.34 29.59
N LEU A 1110 -8.27 -6.11 28.52
CA LEU A 1110 -8.07 -4.74 28.04
C LEU A 1110 -9.35 -4.08 27.54
N HIS A 1111 -10.35 -4.83 27.09
CA HIS A 1111 -11.64 -4.20 26.81
C HIS A 1111 -12.51 -4.06 28.04
N ASP A 1112 -12.28 -4.84 29.09
CA ASP A 1112 -13.05 -4.65 30.32
C ASP A 1112 -12.84 -3.26 30.91
N LEU A 1113 -11.58 -2.82 31.06
CA LEU A 1113 -11.35 -1.46 31.54
C LEU A 1113 -11.56 -0.40 30.47
N ARG A 1114 -11.02 -0.58 29.26
CA ARG A 1114 -11.05 0.51 28.29
C ARG A 1114 -12.47 0.88 27.87
N LYS A 1115 -13.38 -0.08 27.79
CA LYS A 1115 -14.77 0.26 27.50
C LYS A 1115 -15.41 1.11 28.60
N LYS A 1116 -14.95 0.99 29.84
CA LYS A 1116 -15.61 1.66 30.96
C LYS A 1116 -15.03 3.04 31.30
N MET A 1117 -14.00 3.51 30.59
CA MET A 1117 -13.42 4.82 30.79
C MET A 1117 -13.61 5.69 29.55
N SER A 1118 -14.29 6.83 29.71
CA SER A 1118 -14.39 7.81 28.63
C SER A 1118 -13.09 8.60 28.48
N ILE A 1119 -12.72 8.91 27.24
CA ILE A 1119 -11.50 9.66 26.94
C ILE A 1119 -11.80 10.75 25.91
N ILE A 1120 -11.20 11.93 26.09
CA ILE A 1120 -11.09 12.94 25.06
C ILE A 1120 -9.60 13.21 24.81
N PRO A 1121 -9.03 12.68 23.72
CA PRO A 1121 -7.57 12.75 23.53
C PRO A 1121 -7.02 14.14 23.27
N GLN A 1122 -5.70 14.25 23.42
CA GLN A 1122 -4.98 15.49 23.12
C GLN A 1122 -4.96 15.81 21.63
N GLU A 1123 -4.99 14.80 20.76
CA GLU A 1123 -5.07 15.00 19.30
C GLU A 1123 -6.43 14.57 18.79
N PRO A 1124 -7.23 15.46 18.19
CA PRO A 1124 -8.53 15.04 17.65
C PRO A 1124 -8.37 14.31 16.31
N VAL A 1125 -8.94 13.11 16.23
CA VAL A 1125 -8.89 12.28 15.02
C VAL A 1125 -10.32 11.99 14.55
N LEU A 1126 -10.62 12.37 13.31
CA LEU A 1126 -11.85 12.00 12.63
C LEU A 1126 -11.55 11.08 11.45
N PHE A 1127 -12.50 10.19 11.17
CA PHE A 1127 -12.33 9.12 10.18
C PHE A 1127 -13.20 9.40 8.95
N THR A 1128 -12.67 9.05 7.78
CA THR A 1128 -13.41 9.17 6.53
C THR A 1128 -14.69 8.33 6.55
N GLY A 1129 -15.83 8.99 6.37
CA GLY A 1129 -17.11 8.36 6.57
C GLY A 1129 -18.16 9.42 6.87
N THR A 1130 -19.34 8.97 7.24
CA THR A 1130 -20.39 9.92 7.58
C THR A 1130 -20.10 10.55 8.94
N MET A 1131 -20.67 11.73 9.14
CA MET A 1131 -20.65 12.34 10.47
C MET A 1131 -21.35 11.45 11.50
N ARG A 1132 -22.43 10.79 11.11
CA ARG A 1132 -23.07 9.81 12.01
C ARG A 1132 -22.10 8.75 12.51
N LYS A 1133 -21.37 8.09 11.61
CA LYS A 1133 -20.43 7.06 12.03
C LYS A 1133 -19.29 7.60 12.89
N ASN A 1134 -18.91 8.86 12.71
CA ASN A 1134 -17.90 9.45 13.58
C ASN A 1134 -18.40 9.72 14.99
N LEU A 1135 -19.71 9.85 15.19
CA LEU A 1135 -20.29 9.92 16.52
C LEU A 1135 -20.66 8.55 17.07
N ASP A 1136 -21.25 7.69 16.23
CA ASP A 1136 -21.87 6.45 16.68
C ASP A 1136 -21.57 5.36 15.65
N PRO A 1137 -20.41 4.70 15.76
CA PRO A 1137 -20.05 3.67 14.77
C PRO A 1137 -20.83 2.39 14.92
N PHE A 1138 -21.37 2.11 16.10
CA PHE A 1138 -22.09 0.88 16.36
C PHE A 1138 -23.58 1.00 16.06
N ASN A 1139 -24.06 2.21 15.76
CA ASN A 1139 -25.50 2.49 15.59
C ASN A 1139 -26.31 2.11 16.83
N GLU A 1140 -25.77 2.47 17.99
CA GLU A 1140 -26.41 2.19 19.26
C GLU A 1140 -27.21 3.38 19.81
N HIS A 1141 -27.22 4.52 19.11
CA HIS A 1141 -27.98 5.70 19.50
C HIS A 1141 -28.96 6.15 18.43
N SER A 1142 -30.05 6.78 18.87
CA SER A 1142 -31.01 7.43 17.99
C SER A 1142 -30.54 8.81 17.54
N ASP A 1143 -31.06 9.24 16.38
CA ASP A 1143 -30.63 10.52 15.80
C ASP A 1143 -30.93 11.72 16.70
N GLU A 1144 -32.00 11.67 17.49
CA GLU A 1144 -32.26 12.72 18.45
C GLU A 1144 -31.19 12.80 19.54
N GLU A 1145 -30.55 11.68 19.86
CA GLU A 1145 -29.44 11.70 20.81
C GLU A 1145 -28.18 12.32 20.19
N LEU A 1146 -27.91 12.03 18.93
CA LEU A 1146 -26.80 12.67 18.23
C LEU A 1146 -27.00 14.18 18.08
N TRP A 1147 -28.21 14.62 17.72
CA TRP A 1147 -28.49 16.05 17.65
C TRP A 1147 -28.40 16.74 19.01
N ASN A 1148 -28.84 16.09 20.08
CA ASN A 1148 -28.58 16.64 21.41
C ASN A 1148 -27.10 16.81 21.69
N ALA A 1149 -26.28 15.82 21.33
CA ALA A 1149 -24.84 15.96 21.50
C ALA A 1149 -24.30 17.15 20.71
N LEU A 1150 -24.72 17.29 19.46
CA LEU A 1150 -24.23 18.38 18.61
C LEU A 1150 -24.71 19.76 19.08
N GLU A 1151 -25.88 19.87 19.69
CA GLU A 1151 -26.23 21.12 20.35
C GLU A 1151 -25.34 21.41 21.54
N GLU A 1152 -25.13 20.41 22.40
CA GLU A 1152 -24.35 20.61 23.61
C GLU A 1152 -22.89 20.96 23.33
N VAL A 1153 -22.32 20.53 22.20
CA VAL A 1153 -20.98 20.98 21.81
C VAL A 1153 -21.01 22.18 20.85
N GLN A 1154 -22.13 22.90 20.80
CA GLN A 1154 -22.22 24.15 20.02
C GLN A 1154 -21.99 23.95 18.52
N LEU A 1155 -22.28 22.77 17.99
CA LEU A 1155 -21.94 22.42 16.61
C LEU A 1155 -23.14 22.15 15.71
N LYS A 1156 -24.37 22.22 16.23
CA LYS A 1156 -25.55 21.84 15.46
C LYS A 1156 -25.68 22.62 14.16
N GLU A 1157 -25.63 23.95 14.23
CA GLU A 1157 -25.75 24.76 13.01
C GLU A 1157 -24.68 24.43 11.98
N ALA A 1158 -23.46 24.17 12.45
CA ALA A 1158 -22.37 23.80 11.54
C ALA A 1158 -22.59 22.47 10.83
N ILE A 1159 -23.43 21.59 11.37
CA ILE A 1159 -23.80 20.35 10.66
C ILE A 1159 -25.08 20.51 9.84
N GLU A 1160 -26.06 21.27 10.34
CA GLU A 1160 -27.27 21.52 9.56
C GLU A 1160 -27.00 22.29 8.27
N ASP A 1161 -25.93 23.10 8.23
CA ASP A 1161 -25.52 23.75 6.99
C ASP A 1161 -24.99 22.77 5.94
N LEU A 1162 -24.63 21.57 6.30
CA LEU A 1162 -24.08 20.61 5.35
C LEU A 1162 -25.20 19.88 4.60
N PRO A 1163 -25.02 19.60 3.31
CA PRO A 1163 -26.15 19.17 2.48
C PRO A 1163 -26.72 17.81 2.87
N GLY A 1164 -25.88 16.88 3.32
CA GLY A 1164 -26.33 15.60 3.82
C GLY A 1164 -26.69 15.57 5.29
N LYS A 1165 -26.56 16.70 5.99
CA LYS A 1165 -26.70 16.80 7.44
C LYS A 1165 -25.82 15.74 8.10
N MET A 1166 -26.34 14.92 9.03
CA MET A 1166 -25.51 13.89 9.65
C MET A 1166 -25.04 12.81 8.68
N ASP A 1167 -25.68 12.64 7.53
CA ASP A 1167 -25.16 11.74 6.51
C ASP A 1167 -24.10 12.39 5.62
N THR A 1168 -23.64 13.59 5.96
CA THR A 1168 -22.53 14.22 5.26
C THR A 1168 -21.26 13.37 5.33
N GLU A 1169 -20.68 13.10 4.15
CA GLU A 1169 -19.39 12.42 4.07
C GLU A 1169 -18.25 13.41 4.35
N LEU A 1170 -17.47 13.14 5.40
CA LEU A 1170 -16.28 13.93 5.71
C LEU A 1170 -15.11 13.57 4.80
N ALA A 1171 -14.31 14.58 4.48
CA ALA A 1171 -13.10 14.40 3.68
C ALA A 1171 -12.02 13.67 4.49
N GLU A 1172 -10.91 13.40 3.82
CA GLU A 1172 -9.69 12.84 4.40
C GLU A 1172 -9.39 13.44 5.77
N SER A 1173 -9.34 12.60 6.81
CA SER A 1173 -9.03 13.01 8.17
C SER A 1173 -9.97 14.09 8.73
N GLY A 1174 -11.13 14.29 8.12
CA GLY A 1174 -12.03 15.35 8.58
C GLY A 1174 -11.69 16.75 8.12
N SER A 1175 -10.97 16.88 7.01
CA SER A 1175 -10.42 18.16 6.57
C SER A 1175 -11.47 19.24 6.33
N ASN A 1176 -12.75 18.91 6.22
CA ASN A 1176 -13.79 19.94 6.11
C ASN A 1176 -13.80 20.90 7.28
N PHE A 1177 -13.37 20.47 8.46
CA PHE A 1177 -13.60 21.21 9.69
C PHE A 1177 -12.31 21.87 10.17
N SER A 1178 -12.46 23.03 10.78
CA SER A 1178 -11.35 23.67 11.47
C SER A 1178 -10.93 22.83 12.67
N VAL A 1179 -9.76 23.11 13.20
CA VAL A 1179 -9.22 22.30 14.30
C VAL A 1179 -10.09 22.42 15.54
N GLY A 1180 -10.60 23.61 15.83
CA GLY A 1180 -11.53 23.75 16.93
C GLY A 1180 -12.79 22.92 16.76
N GLN A 1181 -13.31 22.85 15.54
CA GLN A 1181 -14.46 22.01 15.26
C GLN A 1181 -14.16 20.51 15.43
N ARG A 1182 -12.99 20.04 14.99
CA ARG A 1182 -12.60 18.66 15.25
C ARG A 1182 -12.48 18.33 16.74
N GLN A 1183 -12.02 19.29 17.55
CA GLN A 1183 -12.05 19.09 19.01
C GLN A 1183 -13.47 18.95 19.54
N LEU A 1184 -14.40 19.78 19.06
CA LEU A 1184 -15.78 19.68 19.54
C LEU A 1184 -16.43 18.34 19.21
N VAL A 1185 -16.10 17.74 18.06
CA VAL A 1185 -16.62 16.42 17.76
C VAL A 1185 -16.16 15.34 18.74
N CYS A 1186 -14.92 15.44 19.24
CA CYS A 1186 -14.46 14.48 20.24
C CYS A 1186 -15.18 14.62 21.57
N LEU A 1187 -15.52 15.83 21.98
CA LEU A 1187 -16.39 16.00 23.13
C LEU A 1187 -17.79 15.45 22.87
N ALA A 1188 -18.30 15.58 21.64
CA ALA A 1188 -19.59 14.99 21.31
C ALA A 1188 -19.60 13.46 21.41
N ARG A 1189 -18.55 12.80 20.92
CA ARG A 1189 -18.40 11.36 21.16
C ARG A 1189 -18.50 11.02 22.65
N ALA A 1190 -17.71 11.71 23.48
CA ALA A 1190 -17.63 11.38 24.90
C ALA A 1190 -18.94 11.66 25.64
N ILE A 1191 -19.76 12.59 25.16
CA ILE A 1191 -21.07 12.81 25.77
C ILE A 1191 -22.02 11.65 25.50
N LEU A 1192 -21.85 10.95 24.37
CA LEU A 1192 -22.77 9.86 24.05
C LEU A 1192 -22.49 8.58 24.84
N ARG A 1193 -21.23 8.30 25.19
CA ARG A 1193 -20.91 7.24 26.13
C ARG A 1193 -21.39 7.58 27.54
N LYS A 1194 -21.64 6.54 28.36
CA LYS A 1194 -22.11 6.72 29.73
C LYS A 1194 -21.25 5.90 30.71
N ASN A 1195 -20.36 6.58 31.44
CA ASN A 1195 -19.34 5.94 32.27
C ASN A 1195 -19.15 6.73 33.57
N ARG A 1196 -18.69 6.03 34.63
CA ARG A 1196 -18.34 6.73 35.87
C ARG A 1196 -17.06 7.55 35.74
N ILE A 1197 -16.14 7.16 34.87
CA ILE A 1197 -14.80 7.76 34.79
C ILE A 1197 -14.63 8.45 33.45
N LEU A 1198 -14.28 9.73 33.48
CA LEU A 1198 -13.96 10.52 32.29
C LEU A 1198 -12.56 11.11 32.40
N ILE A 1199 -11.80 11.01 31.32
CA ILE A 1199 -10.45 11.57 31.20
C ILE A 1199 -10.47 12.61 30.08
N ILE A 1200 -10.04 13.83 30.39
CA ILE A 1200 -10.00 14.95 29.44
C ILE A 1200 -8.55 15.39 29.30
N ASP A 1201 -8.00 15.37 28.09
CA ASP A 1201 -6.63 15.84 27.85
C ASP A 1201 -6.60 17.03 26.89
N GLN A 1202 -6.56 18.25 27.45
CA GLN A 1202 -6.41 19.50 26.67
C GLN A 1202 -7.50 19.66 25.61
N ALA A 1203 -8.71 19.21 25.91
CA ALA A 1203 -9.79 19.09 24.95
C ALA A 1203 -10.29 20.42 24.36
N THR A 1204 -9.95 21.57 24.94
CA THR A 1204 -10.41 22.87 24.43
C THR A 1204 -9.28 23.83 24.10
N ALA A 1205 -8.05 23.35 23.98
CA ALA A 1205 -6.90 24.21 23.71
C ALA A 1205 -7.03 25.03 22.42
N ASN A 1206 -7.61 24.46 21.36
CA ASN A 1206 -7.84 25.20 20.13
C ASN A 1206 -9.23 25.83 20.03
N VAL A 1207 -9.98 25.86 21.12
CA VAL A 1207 -11.32 26.44 21.15
C VAL A 1207 -11.26 27.80 21.83
N ASP A 1208 -11.89 28.81 21.21
CA ASP A 1208 -11.83 30.19 21.69
C ASP A 1208 -12.49 30.35 23.06
N PRO A 1209 -12.12 31.40 23.81
CA PRO A 1209 -12.63 31.55 25.18
C PRO A 1209 -14.15 31.63 25.34
N ARG A 1210 -14.87 32.31 24.43
CA ARG A 1210 -16.31 32.41 24.58
C ARG A 1210 -17.05 31.13 24.16
N THR A 1211 -16.47 30.34 23.26
CA THR A 1211 -16.97 28.98 23.04
C THR A 1211 -16.58 28.05 24.18
N ASP A 1212 -15.36 28.21 24.69
CA ASP A 1212 -14.88 27.37 25.78
C ASP A 1212 -15.76 27.47 27.02
N GLU A 1213 -16.07 28.69 27.46
CA GLU A 1213 -16.88 28.84 28.68
C GLU A 1213 -18.26 28.20 28.57
N LEU A 1214 -18.81 28.08 27.36
CA LEU A 1214 -20.06 27.34 27.18
C LEU A 1214 -19.86 25.83 27.30
N ILE A 1215 -18.89 25.26 26.58
CA ILE A 1215 -18.67 23.82 26.71
C ILE A 1215 -18.11 23.44 28.08
N GLN A 1216 -17.38 24.34 28.74
CA GLN A 1216 -17.03 24.09 30.14
C GLN A 1216 -18.28 23.97 31.02
N LYS A 1217 -19.22 24.91 30.87
CA LYS A 1217 -20.48 24.82 31.61
C LYS A 1217 -21.22 23.51 31.34
N LYS A 1218 -21.31 23.08 30.08
CA LYS A 1218 -21.92 21.78 29.79
C LYS A 1218 -21.13 20.62 30.41
N ILE A 1219 -19.80 20.67 30.42
CA ILE A 1219 -19.03 19.62 31.09
C ILE A 1219 -19.38 19.54 32.58
N ARG A 1220 -19.54 20.70 33.24
CA ARG A 1220 -19.97 20.67 34.63
C ARG A 1220 -21.35 20.02 34.80
N GLU A 1221 -22.27 20.32 33.90
CA GLU A 1221 -23.65 19.81 34.01
C GLU A 1221 -23.80 18.36 33.60
N LYS A 1222 -23.19 17.94 32.47
CA LYS A 1222 -23.41 16.58 31.98
C LYS A 1222 -22.67 15.53 32.78
N PHE A 1223 -21.44 15.81 33.23
CA PHE A 1223 -20.59 14.83 33.91
C PHE A 1223 -20.54 15.03 35.42
N ALA A 1224 -21.57 15.67 35.99
CA ALA A 1224 -21.56 15.99 37.42
C ALA A 1224 -21.36 14.76 38.30
N HIS A 1225 -21.97 13.63 37.93
CA HIS A 1225 -21.86 12.37 38.66
C HIS A 1225 -20.58 11.59 38.39
N CYS A 1226 -19.77 11.98 37.43
CA CYS A 1226 -18.52 11.27 37.13
C CYS A 1226 -17.37 11.66 38.06
N THR A 1227 -16.43 10.73 38.23
CA THR A 1227 -15.04 11.07 38.53
C THR A 1227 -14.38 11.58 37.25
N VAL A 1228 -13.73 12.73 37.32
CA VAL A 1228 -13.19 13.38 36.12
C VAL A 1228 -11.74 13.80 36.35
N LEU A 1229 -10.86 13.45 35.41
CA LEU A 1229 -9.47 13.87 35.36
C LEU A 1229 -9.30 14.84 34.19
N THR A 1230 -8.83 16.06 34.45
CA THR A 1230 -8.63 17.07 33.41
C THR A 1230 -7.17 17.52 33.33
N ILE A 1231 -6.49 17.18 32.25
CA ILE A 1231 -5.20 17.78 31.92
C ILE A 1231 -5.44 19.09 31.18
N ALA A 1232 -4.94 20.20 31.73
CA ALA A 1232 -5.15 21.50 31.09
C ALA A 1232 -4.01 22.48 31.37
N HIS A 1233 -3.48 23.10 30.31
CA HIS A 1233 -2.60 24.25 30.47
C HIS A 1233 -3.36 25.53 30.75
N ARG A 1234 -4.58 25.65 30.21
CA ARG A 1234 -5.44 26.83 30.38
C ARG A 1234 -6.11 26.78 31.76
N LEU A 1235 -5.39 27.31 32.77
CA LEU A 1235 -5.71 27.07 34.18
C LEU A 1235 -7.12 27.54 34.56
N ASN A 1236 -7.69 28.52 33.88
CA ASN A 1236 -9.07 28.92 34.15
C ASN A 1236 -10.06 27.77 34.01
N THR A 1237 -9.74 26.73 33.25
CA THR A 1237 -10.64 25.59 33.07
C THR A 1237 -10.62 24.60 34.25
N ILE A 1238 -9.67 24.71 35.18
CA ILE A 1238 -9.48 23.71 36.23
C ILE A 1238 -9.34 24.31 37.62
N ILE A 1239 -9.39 25.63 37.76
CA ILE A 1239 -9.24 26.27 39.07
C ILE A 1239 -10.31 25.86 40.07
N ASP A 1240 -11.45 25.34 39.62
CA ASP A 1240 -12.50 24.83 40.51
C ASP A 1240 -12.37 23.35 40.87
N SER A 1241 -11.30 22.68 40.45
CA SER A 1241 -11.09 21.27 40.80
C SER A 1241 -11.12 21.04 42.31
N ASP A 1242 -11.49 19.81 42.70
CA ASP A 1242 -11.42 19.42 44.10
C ASP A 1242 -9.98 19.25 44.58
N LYS A 1243 -9.11 18.67 43.74
CA LYS A 1243 -7.69 18.63 43.99
C LYS A 1243 -6.95 18.82 42.67
N ILE A 1244 -5.74 19.39 42.74
CA ILE A 1244 -4.88 19.58 41.58
C ILE A 1244 -3.58 18.80 41.77
N MET A 1245 -3.29 17.89 40.84
CA MET A 1245 -1.97 17.27 40.74
C MET A 1245 -1.01 18.15 39.93
N VAL A 1246 0.17 18.43 40.48
CA VAL A 1246 1.23 19.13 39.74
C VAL A 1246 2.39 18.17 39.53
N LEU A 1247 2.76 17.97 38.27
CA LEU A 1247 3.83 17.06 37.86
C LEU A 1247 5.04 17.85 37.39
N ASP A 1248 6.23 17.41 37.80
CA ASP A 1248 7.46 17.85 37.15
C ASP A 1248 8.43 16.68 36.99
N SER A 1249 9.08 16.63 35.83
CA SER A 1249 10.10 15.61 35.52
C SER A 1249 9.63 14.20 35.87
N GLY A 1250 8.34 13.93 35.65
CA GLY A 1250 7.78 12.61 35.94
C GLY A 1250 7.48 12.31 37.39
N ARG A 1251 7.56 13.29 38.28
CA ARG A 1251 7.21 13.11 39.69
C ARG A 1251 5.98 13.92 40.04
N LEU A 1252 5.08 13.33 40.82
CA LEU A 1252 3.97 14.07 41.44
C LEU A 1252 4.50 14.87 42.62
N LYS A 1253 4.69 16.17 42.44
CA LYS A 1253 5.27 17.01 43.49
C LYS A 1253 4.23 17.58 44.46
N GLU A 1254 3.04 17.91 43.99
CA GLU A 1254 1.98 18.46 44.85
C GLU A 1254 0.63 17.88 44.44
N TYR A 1255 -0.24 17.66 45.44
CA TYR A 1255 -1.59 17.18 45.17
C TYR A 1255 -2.55 17.67 46.27
N ASP A 1256 -3.26 18.77 46.01
CA ASP A 1256 -4.03 19.43 47.08
C ASP A 1256 -5.09 20.35 46.49
N GLU A 1257 -5.95 20.84 47.38
CA GLU A 1257 -6.97 21.83 47.03
C GLU A 1257 -6.36 23.08 46.38
N PRO A 1258 -7.02 23.67 45.37
CA PRO A 1258 -6.42 24.82 44.67
C PRO A 1258 -5.98 25.96 45.56
N TYR A 1259 -6.85 26.44 46.46
CA TYR A 1259 -6.51 27.58 47.31
C TYR A 1259 -5.38 27.24 48.27
N VAL A 1260 -5.35 26.02 48.80
CA VAL A 1260 -4.29 25.61 49.71
C VAL A 1260 -2.93 25.60 49.01
N LEU A 1261 -2.89 25.20 47.74
CA LEU A 1261 -1.66 25.33 46.95
C LEU A 1261 -1.24 26.79 46.78
N LEU A 1262 -2.17 27.65 46.40
CA LEU A 1262 -1.83 29.05 46.13
C LEU A 1262 -1.44 29.83 47.38
N GLN A 1263 -1.98 29.49 48.55
CA GLN A 1263 -1.54 30.14 49.78
C GLN A 1263 -0.14 29.72 50.22
N ASN A 1264 0.40 28.61 49.72
CA ASN A 1264 1.83 28.35 49.81
C ASN A 1264 2.55 29.07 48.67
N ARG A 1265 3.14 30.23 48.98
CA ARG A 1265 3.80 31.05 47.97
C ARG A 1265 5.03 30.38 47.36
N ASP A 1266 5.58 29.35 48.01
CA ASP A 1266 6.71 28.60 47.47
C ASP A 1266 6.28 27.39 46.63
N SER A 1267 4.98 27.14 46.50
CA SER A 1267 4.48 26.07 45.66
C SER A 1267 4.77 26.33 44.18
N LEU A 1268 4.77 25.26 43.40
CA LEU A 1268 4.79 25.37 41.94
C LEU A 1268 3.54 26.05 41.42
N PHE A 1269 2.37 25.68 41.96
CA PHE A 1269 1.11 26.22 41.43
C PHE A 1269 0.97 27.72 41.64
N TYR A 1270 1.49 28.27 42.74
CA TYR A 1270 1.50 29.72 42.90
C TYR A 1270 2.34 30.40 41.82
N LYS A 1271 3.51 29.84 41.52
CA LYS A 1271 4.32 30.37 40.44
C LYS A 1271 3.60 30.31 39.10
N MET A 1272 2.93 29.19 38.81
CA MET A 1272 2.21 29.04 37.56
C MET A 1272 1.10 30.08 37.37
N VAL A 1273 0.23 30.26 38.37
CA VAL A 1273 -0.83 31.28 38.18
C VAL A 1273 -0.23 32.68 38.14
N GLN A 1274 0.83 32.94 38.89
CA GLN A 1274 1.44 34.27 38.88
C GLN A 1274 2.06 34.59 37.52
N GLN A 1275 2.58 33.58 36.81
CA GLN A 1275 3.22 33.81 35.52
C GLN A 1275 2.25 34.32 34.46
N LEU A 1276 0.94 34.13 34.65
CA LEU A 1276 -0.06 34.64 33.70
C LEU A 1276 -0.23 36.15 33.75
N GLY A 1277 0.14 36.80 34.85
CA GLY A 1277 -0.09 38.23 35.02
C GLY A 1277 -0.98 38.57 36.21
N LYS A 1278 -0.95 39.84 36.62
CA LYS A 1278 -1.55 40.23 37.90
C LYS A 1278 -3.07 40.09 37.91
N ALA A 1279 -3.74 40.56 36.85
CA ALA A 1279 -5.20 40.44 36.80
C ALA A 1279 -5.64 38.99 36.68
N GLU A 1280 -4.89 38.20 35.90
CA GLU A 1280 -5.17 36.77 35.79
C GLU A 1280 -4.99 36.07 37.13
N ALA A 1281 -3.86 36.30 37.80
CA ALA A 1281 -3.64 35.71 39.12
C ALA A 1281 -4.69 36.15 40.13
N ALA A 1282 -5.11 37.41 40.09
CA ALA A 1282 -6.18 37.88 40.98
C ALA A 1282 -7.49 37.12 40.73
N ALA A 1283 -7.90 37.01 39.46
CA ALA A 1283 -9.12 36.27 39.15
C ALA A 1283 -9.04 34.81 39.55
N LEU A 1284 -7.90 34.16 39.28
CA LEU A 1284 -7.73 32.76 39.66
C LEU A 1284 -7.70 32.56 41.18
N THR A 1285 -6.91 33.36 41.89
CA THR A 1285 -6.87 33.25 43.36
C THR A 1285 -8.22 33.54 43.98
N GLU A 1286 -8.95 34.52 43.46
CA GLU A 1286 -10.31 34.77 43.93
C GLU A 1286 -11.22 33.57 43.70
N THR A 1287 -11.17 32.99 42.49
CA THR A 1287 -12.02 31.84 42.20
C THR A 1287 -11.66 30.64 43.08
N ALA A 1288 -10.37 30.38 43.28
CA ALA A 1288 -9.95 29.32 44.18
C ALA A 1288 -10.41 29.57 45.61
N LYS A 1289 -10.24 30.79 46.11
CA LYS A 1289 -10.71 31.14 47.45
C LYS A 1289 -12.21 30.92 47.60
N GLN A 1290 -13.00 31.39 46.63
CA GLN A 1290 -14.45 31.23 46.68
C GLN A 1290 -14.88 29.76 46.76
N VAL A 1291 -14.36 28.92 45.87
CA VAL A 1291 -14.75 27.51 45.90
C VAL A 1291 -14.26 26.83 47.18
N TYR A 1292 -13.05 27.16 47.63
CA TYR A 1292 -12.54 26.57 48.87
C TYR A 1292 -13.38 26.98 50.08
N PHE A 1293 -13.77 28.26 50.16
CA PHE A 1293 -14.69 28.67 51.22
C PHE A 1293 -16.03 27.95 51.14
N LYS A 1294 -16.61 27.87 49.94
CA LYS A 1294 -17.87 27.14 49.76
C LYS A 1294 -17.76 25.67 50.14
N ARG A 1295 -16.59 25.05 49.96
CA ARG A 1295 -16.39 23.70 50.47
C ARG A 1295 -16.28 23.65 52.00
N ASN A 1296 -15.82 24.73 52.62
CA ASN A 1296 -15.69 24.80 54.08
C ASN A 1296 -16.95 25.28 54.79
N TYR A 1297 -17.87 25.98 54.11
CA TYR A 1297 -19.11 26.39 54.74
C TYR A 1297 -19.93 25.24 55.32
N PRO A 1298 -20.19 24.12 54.60
CA PRO A 1298 -20.96 23.06 55.25
C PRO A 1298 -20.23 22.37 56.40
MG MG B . 0.09 15.49 26.70
MG MG C . -7.35 27.34 12.21
C1 PTY D . -7.60 -6.13 -25.32
C2 PTY D . -10.78 -0.08 -21.68
C3 PTY D . -9.86 -0.22 -22.94
O4 PTY D . -6.77 -6.38 -26.47
C5 PTY D . -8.78 -3.85 -25.13
C6 PTY D . -8.83 -5.28 -25.74
O7 PTY D . -10.00 -5.96 -25.24
C8 PTY D . -11.27 -5.63 -25.63
O10 PTY D . -12.23 -5.90 -24.93
C11 PTY D . -11.40 -5.40 -27.14
C12 PTY D . -12.86 -5.58 -27.64
C13 PTY D . -13.01 -5.32 -29.15
C14 PTY D . -13.05 -6.61 -30.01
C15 PTY D . -11.71 -7.38 -30.02
C16 PTY D . -11.66 -8.42 -31.16
C17 PTY D . -12.72 -9.54 -31.01
C18 PTY D . -12.52 -10.74 -31.96
C19 PTY D . -12.48 -10.36 -33.47
C20 PTY D . -11.07 -10.08 -34.05
C21 PTY D . -10.14 -11.31 -34.09
C22 PTY D . -9.01 -11.27 -33.03
C23 PTY D . -8.17 -12.56 -33.05
C24 PTY D . -7.13 -12.57 -34.19
C25 PTY D . -6.84 -13.97 -34.77
C26 PTY D . -8.04 -14.58 -35.55
C27 PTY D . -7.59 -15.64 -36.58
C28 PTY D . -6.98 -16.90 -35.94
C29 PTY D . -6.73 -18.00 -36.99
C30 PTY D . -7.18 -7.22 -27.46
C31 PTY D . -6.16 -7.29 -28.58
O30 PTY D . -8.21 -7.85 -27.43
C32 PTY D . -6.57 -8.19 -29.77
C33 PTY D . -5.54 -8.07 -30.90
C34 PTY D . -5.91 -8.85 -32.18
C35 PTY D . -4.78 -8.86 -33.22
C36 PTY D . -4.20 -7.45 -33.53
C37 PTY D . -3.02 -7.46 -34.53
C38 PTY D . -2.13 -6.19 -34.42
C39 PTY D . -1.32 -6.13 -33.09
C40 PTY D . -0.21 -5.06 -33.11
C41 PTY D . 0.64 -5.09 -31.82
C42 PTY D . 1.91 -4.22 -31.98
C43 PTY D . 2.82 -4.28 -30.74
C44 PTY D . 4.15 -3.54 -30.99
P1 PTY D . -10.34 -2.80 -23.28
O11 PTY D . -9.36 -1.55 -23.08
O12 PTY D . -11.37 -2.54 -24.33
O13 PTY D . -11.01 -3.17 -22.01
O14 PTY D . -9.26 -3.88 -23.77
N1 PTY D . -11.03 1.33 -21.34
HC11 PTY D . -7.03 -5.60 -24.56
HC12 PTY D . -7.94 -7.07 -24.89
HC21 PTY D . -11.72 -0.59 -21.87
HC22 PTY D . -10.28 -0.58 -20.83
HC31 PTY D . -9.01 0.47 -22.83
HC32 PTY D . -10.42 0.08 -23.83
HC51 PTY D . -7.76 -3.46 -25.16
HC52 PTY D . -9.40 -3.18 -25.74
HC6 PTY D . -8.84 -5.20 -26.83
H111 PTY D . -10.75 -6.11 -27.65
H112 PTY D . -11.06 -4.39 -27.36
H121 PTY D . -13.23 -6.59 -27.39
H122 PTY D . -13.51 -4.88 -27.11
H131 PTY D . -13.95 -4.78 -29.32
H132 PTY D . -12.21 -4.66 -29.51
H141 PTY D . -13.86 -7.26 -29.64
H142 PTY D . -13.32 -6.33 -31.04
H151 PTY D . -10.88 -6.68 -30.15
H152 PTY D . -11.56 -7.89 -29.07
H161 PTY D . -11.81 -7.90 -32.12
H162 PTY D . -10.66 -8.87 -31.20
H171 PTY D . -13.72 -9.12 -31.18
H172 PTY D . -12.70 -9.91 -29.98
H181 PTY D . -11.61 -11.28 -31.68
H182 PTY D . -13.35 -11.43 -31.81
H191 PTY D . -13.14 -9.50 -33.65
H192 PTY D . -12.93 -11.19 -34.05
H201 PTY D . -10.59 -9.25 -33.52
H202 PTY D . -11.20 -9.72 -35.09
H211 PTY D . -10.74 -12.22 -33.97
H212 PTY D . -9.69 -11.38 -35.09
H221 PTY D . -9.44 -11.13 -32.04
H222 PTY D . -8.37 -10.40 -33.21
H231 PTY D . -7.65 -12.66 -32.09
H232 PTY D . -8.84 -13.43 -33.12
H241 PTY D . -6.20 -12.13 -33.82
H242 PTY D . -7.46 -11.92 -35.02
H251 PTY D . -5.98 -13.89 -35.43
H252 PTY D . -6.54 -14.65 -33.96
H261 PTY D . -8.76 -15.00 -34.86
H262 PTY D . -8.55 -13.77 -36.09
H271 PTY D . -8.46 -15.92 -37.19
H272 PTY D . -6.87 -15.20 -37.28
H281 PTY D . -6.03 -16.65 -35.46
H282 PTY D . -7.65 -17.29 -35.16
H291 PTY D . -6.31 -18.89 -36.51
H292 PTY D . -6.04 -17.66 -37.77
H293 PTY D . -7.68 -18.28 -37.46
H311 PTY D . -6.00 -6.25 -28.93
H312 PTY D . -5.21 -7.63 -28.15
H321 PTY D . -6.65 -9.23 -29.44
H322 PTY D . -7.56 -7.89 -30.14
H331 PTY D . -5.44 -7.01 -31.14
H332 PTY D . -4.56 -8.41 -30.53
H341 PTY D . -6.16 -9.89 -31.92
H342 PTY D . -6.81 -8.41 -32.61
H351 PTY D . -3.97 -9.51 -32.87
H352 PTY D . -5.14 -9.30 -34.16
H361 PTY D . -4.99 -6.80 -33.90
H362 PTY D . -3.84 -7.00 -32.58
H371 PTY D . -2.40 -8.36 -34.35
H372 PTY D . -3.42 -7.55 -35.54
H381 PTY D . -1.43 -6.20 -35.26
H382 PTY D . -2.75 -5.29 -34.51
H391 PTY D . -0.86 -7.11 -32.91
H392 PTY D . -1.99 -5.92 -32.24
H401 PTY D . 0.44 -5.24 -33.98
H402 PTY D . -0.65 -4.07 -33.23
H411 PTY D . 0.95 -6.12 -31.60
H412 PTY D . 0.05 -4.74 -30.97
H421 PTY D . 2.48 -4.56 -32.86
H422 PTY D . 1.62 -3.18 -32.18
H431 PTY D . 3.02 -5.31 -30.46
H432 PTY D . 2.30 -3.80 -29.90
H441 PTY D . 4.77 -3.56 -30.10
H442 PTY D . 4.71 -4.02 -31.81
H443 PTY D . 3.98 -2.49 -31.26
HN11 PTY D . -11.69 1.38 -20.57
HN12 PTY D . -11.51 1.77 -22.11
PG ATP E . 2.13 18.09 26.97
O1G ATP E . 0.94 17.27 26.74
O2G ATP E . 1.79 19.37 27.87
O3G ATP E . 2.70 18.60 25.56
PB ATP E . 2.90 15.95 28.46
O1B ATP E . 2.69 16.28 29.88
O2B ATP E . 1.61 15.24 27.84
O3B ATP E . 3.32 17.28 27.66
PA ATP E . 3.88 13.54 27.88
O1A ATP E . 3.04 13.42 26.67
O2A ATP E . 3.32 12.74 29.14
O3A ATP E . 4.19 15.06 28.23
O5' ATP E . 5.32 13.02 27.45
C5' ATP E . 6.15 12.90 28.59
C4' ATP E . 7.44 12.28 28.08
O4' ATP E . 7.14 11.08 27.36
C3' ATP E . 8.02 13.23 27.02
O3' ATP E . 9.03 14.02 27.64
C2' ATP E . 8.63 12.31 25.95
O2' ATP E . 10.04 12.32 26.12
C1' ATP E . 8.07 10.92 26.28
N9 ATP E . 7.24 10.28 25.27
C8 ATP E . 6.03 10.69 24.83
N7 ATP E . 5.55 9.85 23.97
C5 ATP E . 6.42 8.82 23.83
C6 ATP E . 6.44 7.64 23.08
N6 ATP E . 5.42 7.32 22.22
N1 ATP E . 7.48 6.83 23.20
C2 ATP E . 8.48 7.12 24.00
N3 ATP E . 8.50 8.21 24.72
C4 ATP E . 7.50 9.08 24.67
H5'1 ATP E . 5.75 12.30 29.24
H5'2 ATP E . 6.32 13.76 29.00
H4' ATP E . 8.07 12.12 28.80
H3' ATP E . 7.33 13.79 26.64
HO3' ATP E . 8.66 14.46 28.26
H2' ATP E . 8.39 12.60 25.06
HO2' ATP E . 10.21 12.88 26.74
H1' ATP E . 8.79 10.33 26.54
H8 ATP E . 5.61 11.49 25.09
HN61 ATP E . 4.81 7.89 22.03
HN62 ATP E . 5.38 6.53 21.87
H2 ATP E . 9.20 6.53 24.06
PG ATP F . -9.82 27.60 14.32
O1G ATP F . -9.84 28.52 15.46
O2G ATP F . -10.23 26.14 14.86
O3G ATP F . -8.35 27.52 13.67
PB ATP F . -10.38 28.72 11.92
O1B ATP F . -10.33 30.17 12.10
O2B ATP F . -8.96 28.14 11.47
O3B ATP F . -10.93 28.05 13.27
PA ATP F . -11.04 27.92 9.42
O1A ATP F . -10.13 26.76 9.43
O2A ATP F . -10.50 29.17 8.59
O3A ATP F . -11.53 28.28 10.89
O5' ATP F . -12.40 27.34 8.77
C5' ATP F . -13.25 28.39 8.32
C4' ATP F . -14.37 27.73 7.50
O4' ATP F . -13.82 26.99 6.38
C3' ATP F . -15.10 26.71 8.38
O3' ATP F . -16.48 26.68 8.06
C2' ATP F . -14.45 25.36 7.98
O2' ATP F . -15.40 24.31 8.12
C1' ATP F . -14.11 25.59 6.51
N9 ATP F . -12.93 24.87 6.06
C8 ATP F . -11.70 24.89 6.65
N7 ATP F . -10.87 24.15 5.96
C5 ATP F . -11.53 23.64 4.89
C6 ATP F . -11.17 22.80 3.83
N6 ATP F . -9.89 22.32 3.70
N1 ATP F . -12.10 22.48 2.92
C2 ATP F . -13.33 22.94 3.03
N3 ATP F . -13.70 23.73 4.00
C4 ATP F . -12.84 24.09 4.95
H5'1 ATP F . -12.75 29.00 7.75
H5'2 ATP F . -13.62 28.88 9.07
H4' ATP F . -14.99 28.41 7.18
H3' ATP F . -14.97 26.89 9.32
HO3' ATP F . -16.70 25.86 7.94
H2' ATP F . -13.65 25.19 8.50
HO2' ATP F . -15.03 23.61 7.81
H1' ATP F . -14.88 25.35 5.95
H8 ATP F . -11.47 25.35 7.42
HN61 ATP F . -9.67 21.87 2.99
HN62 ATP F . -9.30 22.50 4.30
H2 ATP F . -13.95 22.70 2.38
#